data_3KS0
#
_entry.id   3KS0
#
_cell.length_a   72.580
_cell.length_b   83.680
_cell.length_c   92.165
_cell.angle_alpha   90.00
_cell.angle_beta   96.80
_cell.angle_gamma   90.00
#
_symmetry.space_group_name_H-M   'P 1 21 1'
#
loop_
_entity.id
_entity.type
_entity.pdbx_description
1 polymer 'heme domain of flavocytochrome b2'
2 polymer 'Fragment Antigen Binding B2B4'
3 polymer 'Cytochrome b2, mitochondrial'
4 non-polymer 'PROTOPORPHYRIN IX CONTAINING FE'
5 water water
#
loop_
_entity_poly.entity_id
_entity_poly.type
_entity_poly.pdbx_seq_one_letter_code
_entity_poly.pdbx_strand_id
1 'polypeptide(L)'
;QAVVTQESALTTSPGETVTLTCRSSTGAVTTSNYANWVQEKPDHLFTGLIGGTNKRAPGVPARFSGSLIGDKAALTITGA
QTEDEAIYFCALWDSNHLVFGGGTKLTVLGQPKSSPSVTLFPPSSEELETNKATLVCTITDFYPGVVTVDWKVDGTPVTQ
GMETTQPSKQSNNKYMASSYLTLTARAWERHSSYSCQVTHEGHTVEKSLSPADC
;
L,J
2 'polypeptide(L)'
;EVQLQESGPSLVKPSQTLSLTCSVTGDSITSGYWNWIRKFPGNKLEYMGYISYGGSTYYNPSLESRISITRDTSKNQYYL
QLNSVTTEDTATYFCARLFGSYYFDYWGQGTTLTVSSAKTTPPSVYPLAPGSAAQTNSMVTLGCLVKGYFPEPVTVTWNS
GSLSSGVHTFPAVLQSDLYTLSSSVTVPSSTWPSETVTCNVAHPASSTKVDKKIVPRDCGCKPCI
;
H,K
3 'polypeptide(L)'
;MNKQKISPAEVAKHNKPDDCWVVINGYVYDLTRFLPNHPGGQDVIKFNAGKDVTAIFEPLHAPNVIDKYIAPEKKLGPLQ
GSMPPELVCPPYAPG
;
A,B
#
loop_
_chem_comp.id
_chem_comp.type
_chem_comp.name
_chem_comp.formula
HEM non-polymer 'PROTOPORPHYRIN IX CONTAINING FE' 'C34 H32 Fe N4 O4'
#
# COMPACT_ATOMS: atom_id res chain seq x y z
N GLN A 1 -1.41 -11.46 -1.51
CA GLN A 1 -2.76 -11.00 -1.03
C GLN A 1 -2.88 -9.46 -0.93
N ALA A 2 -4.06 -8.95 -1.32
CA ALA A 2 -4.34 -7.51 -1.54
C ALA A 2 -4.46 -6.69 -0.27
N VAL A 3 -4.23 -5.39 -0.43
CA VAL A 3 -4.40 -4.41 0.65
C VAL A 3 -5.57 -3.48 0.35
N VAL A 4 -6.54 -3.47 1.26
CA VAL A 4 -7.77 -2.70 1.10
C VAL A 4 -7.55 -1.37 1.82
N THR A 5 -7.89 -0.26 1.16
CA THR A 5 -7.57 1.12 1.62
C THR A 5 -8.79 2.05 1.67
N GLN A 6 -8.96 2.74 2.78
CA GLN A 6 -10.09 3.64 2.93
C GLN A 6 -9.74 4.93 3.69
N GLU A 7 -10.58 5.93 3.56
CA GLU A 7 -10.36 7.21 4.17
C GLU A 7 -10.08 7.06 5.66
N SER A 8 -9.06 7.77 6.11
CA SER A 8 -8.73 7.90 7.51
C SER A 8 -10.01 8.29 8.26
N ALA A 9 -10.63 9.38 7.79
CA ALA A 9 -11.73 10.05 8.46
C ALA A 9 -12.38 11.12 7.60
N LEU A 10 -13.67 11.38 7.86
CA LEU A 10 -14.46 12.33 7.11
C LEU A 10 -15.36 12.95 8.13
N THR A 11 -15.59 14.24 7.94
CA THR A 11 -16.51 15.01 8.76
C THR A 11 -17.68 15.42 7.89
N THR A 12 -18.88 15.28 8.43
CA THR A 12 -20.08 15.85 7.82
C THR A 12 -21.11 16.27 8.91
N SER A 13 -22.16 16.97 8.51
CA SER A 13 -23.16 17.51 9.44
C SER A 13 -24.51 16.87 9.12
N PRO A 14 -25.51 16.97 10.02
CA PRO A 14 -26.77 16.25 9.73
C PRO A 14 -27.49 16.66 8.43
N GLY A 15 -28.24 15.74 7.85
CA GLY A 15 -28.95 16.00 6.58
C GLY A 15 -28.06 15.77 5.36
N GLU A 16 -26.76 15.86 5.54
CA GLU A 16 -25.89 15.87 4.40
C GLU A 16 -25.66 14.47 3.85
N THR A 17 -25.38 14.37 2.56
CA THR A 17 -25.03 13.11 1.92
C THR A 17 -23.53 12.90 1.94
N VAL A 18 -23.08 11.77 2.47
CA VAL A 18 -21.65 11.53 2.51
C VAL A 18 -21.31 10.23 1.81
N THR A 19 -20.19 10.19 1.10
CA THR A 19 -19.79 8.99 0.40
C THR A 19 -18.45 8.47 0.96
N LEU A 20 -18.46 7.17 1.34
CA LEU A 20 -17.27 6.45 1.77
C LEU A 20 -16.88 5.48 0.69
N THR A 21 -15.58 5.40 0.38
CA THR A 21 -15.11 4.54 -0.70
C THR A 21 -14.13 3.50 -0.22
N CYS A 22 -13.83 2.51 -1.07
CA CYS A 22 -13.02 1.38 -0.66
C CYS A 22 -12.20 0.88 -1.83
N ARG A 23 -10.87 0.88 -1.71
CA ARG A 23 -9.99 0.52 -2.84
C ARG A 23 -9.11 -0.70 -2.59
N SER A 24 -8.95 -1.54 -3.60
CA SER A 24 -8.01 -2.64 -3.51
C SER A 24 -6.68 -2.24 -4.12
N SER A 25 -5.60 -2.76 -3.53
CA SER A 25 -4.24 -2.43 -3.93
C SER A 25 -3.90 -3.00 -5.31
N THR A 26 -4.48 -4.16 -5.63
CA THR A 26 -4.22 -4.85 -6.93
C THR A 26 -4.96 -4.38 -8.18
N GLY A 27 -6.22 -3.99 -8.07
CA GLY A 27 -6.94 -3.49 -9.23
C GLY A 27 -8.17 -2.71 -8.86
N ALA A 28 -9.07 -2.59 -9.84
CA ALA A 28 -10.39 -1.98 -9.66
C ALA A 28 -11.30 -2.93 -8.92
N VAL A 29 -12.32 -2.40 -8.27
CA VAL A 29 -13.23 -3.24 -7.53
C VAL A 29 -14.43 -3.52 -8.39
N THR A 30 -14.64 -4.78 -8.76
CA THR A 30 -15.91 -5.13 -9.40
C THR A 30 -16.82 -5.87 -8.44
N THR A 31 -18.02 -6.21 -8.92
CA THR A 31 -18.96 -6.89 -8.07
C THR A 31 -18.47 -8.27 -7.62
N SER A 32 -17.52 -8.83 -8.37
CA SER A 32 -16.89 -10.12 -8.02
C SER A 32 -16.11 -10.10 -6.71
N ASN A 33 -15.77 -8.90 -6.22
CA ASN A 33 -15.17 -8.73 -4.88
C ASN A 33 -16.23 -8.77 -3.79
N TYR A 34 -17.49 -8.73 -4.16
CA TYR A 34 -18.56 -8.75 -3.18
C TYR A 34 -18.27 -7.84 -1.99
N ALA A 35 -18.03 -6.57 -2.30
CA ALA A 35 -17.76 -5.57 -1.31
C ALA A 35 -18.78 -5.70 -0.19
N ASN A 36 -18.35 -5.35 1.03
CA ASN A 36 -19.08 -5.55 2.24
C ASN A 36 -18.78 -4.42 3.22
N TRP A 37 -19.82 -3.95 3.93
CA TRP A 37 -19.68 -2.84 4.86
C TRP A 37 -20.26 -3.11 6.30
N VAL A 38 -19.44 -2.97 7.32
CA VAL A 38 -19.95 -3.06 8.69
C VAL A 38 -19.68 -1.74 9.43
N GLN A 39 -20.57 -1.40 10.36
CA GLN A 39 -20.43 -0.21 11.19
C GLN A 39 -20.03 -0.55 12.60
N GLU A 40 -19.14 0.23 13.20
CA GLU A 40 -18.75 -0.01 14.57
C GLU A 40 -18.88 1.20 15.49
N LYS A 41 -19.76 1.11 16.47
CA LYS A 41 -20.09 2.18 17.42
C LYS A 41 -19.41 1.82 18.73
N PRO A 42 -19.17 2.80 19.65
CA PRO A 42 -18.58 2.49 20.97
C PRO A 42 -19.29 1.37 21.74
N ASP A 43 -18.51 0.71 22.61
CA ASP A 43 -18.91 -0.54 23.27
C ASP A 43 -18.99 -1.72 22.27
N HIS A 44 -17.91 -1.91 21.50
CA HIS A 44 -17.74 -3.09 20.66
C HIS A 44 -18.99 -3.45 19.87
N LEU A 45 -19.74 -2.43 19.48
CA LEU A 45 -21.06 -2.61 18.91
C LEU A 45 -21.05 -2.66 17.34
N PHE A 46 -20.85 -3.85 16.79
CA PHE A 46 -20.80 -4.04 15.32
C PHE A 46 -22.17 -4.30 14.69
N THR A 47 -22.38 -3.77 13.48
CA THR A 47 -23.64 -3.90 12.74
C THR A 47 -23.29 -3.98 11.27
N GLY A 48 -23.71 -5.06 10.59
CA GLY A 48 -23.47 -5.25 9.18
C GLY A 48 -24.38 -4.35 8.41
N LEU A 49 -23.85 -3.63 7.42
CA LEU A 49 -24.61 -2.71 6.58
C LEU A 49 -24.93 -3.18 5.15
N ILE A 50 -23.91 -3.50 4.37
CA ILE A 50 -24.07 -3.86 2.96
C ILE A 50 -23.21 -5.10 2.70
N GLY A 51 -23.72 -5.99 1.83
CA GLY A 51 -22.97 -7.12 1.33
C GLY A 51 -23.26 -7.20 -0.16
N GLY A 52 -22.54 -8.05 -0.89
CA GLY A 52 -22.74 -8.17 -2.33
C GLY A 52 -22.77 -6.82 -3.01
N THR A 53 -21.84 -5.94 -2.63
CA THR A 53 -21.70 -4.58 -3.19
C THR A 53 -22.81 -3.62 -2.74
N ASN A 54 -24.07 -3.96 -3.00
CA ASN A 54 -25.17 -3.03 -2.82
C ASN A 54 -26.42 -3.73 -2.31
N LYS A 55 -26.29 -4.49 -1.25
CA LYS A 55 -27.41 -5.31 -0.78
C LYS A 55 -27.59 -5.05 0.70
N ARG A 56 -28.58 -4.25 1.04
CA ARG A 56 -28.83 -3.83 2.41
C ARG A 56 -29.23 -5.01 3.28
N ALA A 57 -28.58 -5.13 4.44
CA ALA A 57 -28.93 -6.13 5.45
C ALA A 57 -30.26 -5.78 6.10
N PRO A 58 -31.01 -6.79 6.60
CA PRO A 58 -32.30 -6.48 7.22
C PRO A 58 -32.13 -5.52 8.35
N GLY A 59 -33.10 -4.61 8.48
CA GLY A 59 -33.17 -3.69 9.58
C GLY A 59 -32.21 -2.52 9.48
N VAL A 60 -31.64 -2.34 8.29
CA VAL A 60 -30.76 -1.19 8.09
C VAL A 60 -31.53 -0.10 7.35
N PRO A 61 -31.51 1.13 7.92
CA PRO A 61 -32.05 2.33 7.31
C PRO A 61 -31.73 2.47 5.84
N ALA A 62 -32.72 2.91 5.08
CA ALA A 62 -32.55 3.12 3.65
C ALA A 62 -31.57 4.23 3.26
N ARG A 63 -31.20 5.09 4.20
CA ARG A 63 -30.24 6.12 3.91
C ARG A 63 -28.86 5.57 3.74
N PHE A 64 -28.71 4.25 3.86
CA PHE A 64 -27.43 3.57 3.58
C PHE A 64 -27.49 2.84 2.26
N SER A 65 -26.60 3.17 1.32
CA SER A 65 -26.54 2.38 0.07
C SER A 65 -25.10 2.01 -0.30
N GLY A 66 -24.98 0.98 -1.13
CA GLY A 66 -23.67 0.64 -1.67
C GLY A 66 -23.69 0.73 -3.17
N SER A 67 -22.54 0.97 -3.78
CA SER A 67 -22.43 1.00 -5.23
C SER A 67 -20.98 0.89 -5.66
N LEU A 68 -20.76 0.76 -6.97
CA LEU A 68 -19.40 0.81 -7.54
C LEU A 68 -19.17 2.16 -8.15
N ILE A 69 -18.17 2.86 -7.65
CA ILE A 69 -17.93 4.24 -8.06
C ILE A 69 -16.51 4.35 -8.63
N GLY A 70 -16.38 4.33 -9.94
CA GLY A 70 -15.05 4.32 -10.54
C GLY A 70 -14.37 2.97 -10.30
N ASP A 71 -13.20 3.00 -9.67
CA ASP A 71 -12.45 1.79 -9.36
C ASP A 71 -12.62 1.30 -7.91
N LYS A 72 -13.68 1.72 -7.24
CA LYS A 72 -13.88 1.23 -5.88
C LYS A 72 -15.33 1.01 -5.46
N ALA A 73 -15.49 0.29 -4.37
CA ALA A 73 -16.81 0.11 -3.80
C ALA A 73 -17.01 1.35 -3.01
N ALA A 74 -18.28 1.67 -2.79
CA ALA A 74 -18.65 2.89 -2.15
C ALA A 74 -19.84 2.68 -1.24
N LEU A 75 -19.81 3.36 -0.08
CA LEU A 75 -20.95 3.46 0.83
C LEU A 75 -21.48 4.90 0.90
N THR A 76 -22.75 5.04 0.57
CA THR A 76 -23.38 6.36 0.54
C THR A 76 -24.42 6.51 1.66
N ILE A 77 -24.25 7.54 2.46
CA ILE A 77 -25.25 7.84 3.45
C ILE A 77 -26.00 9.08 2.94
N THR A 78 -27.31 8.94 2.72
CA THR A 78 -28.06 10.00 2.08
C THR A 78 -29.00 10.56 3.08
N GLY A 79 -28.64 11.70 3.63
CA GLY A 79 -29.42 12.28 4.72
C GLY A 79 -28.93 11.72 6.04
N ALA A 80 -27.70 12.09 6.38
CA ALA A 80 -26.96 11.49 7.49
C ALA A 80 -27.44 12.04 8.83
N GLN A 81 -27.38 11.22 9.88
CA GLN A 81 -27.87 11.62 11.19
C GLN A 81 -26.72 11.65 12.18
N THR A 82 -26.89 12.33 13.31
CA THR A 82 -25.86 12.31 14.36
C THR A 82 -25.51 10.88 14.81
N GLU A 83 -26.49 9.97 14.77
CA GLU A 83 -26.27 8.60 15.23
C GLU A 83 -25.35 7.83 14.29
N ASP A 84 -25.04 8.45 13.15
CA ASP A 84 -24.15 7.83 12.17
C ASP A 84 -22.69 8.06 12.44
N GLU A 85 -22.39 8.96 13.39
CA GLU A 85 -21.02 9.17 13.89
C GLU A 85 -20.39 7.91 14.50
N ALA A 86 -19.53 7.29 13.73
CA ALA A 86 -18.89 6.07 14.16
C ALA A 86 -17.90 5.59 13.09
N ILE A 87 -17.34 4.40 13.31
CA ILE A 87 -16.28 3.94 12.41
C ILE A 87 -16.87 3.00 11.35
N TYR A 88 -16.35 3.07 10.15
CA TYR A 88 -16.91 2.26 9.11
C TYR A 88 -15.85 1.42 8.45
N PHE A 89 -16.08 0.11 8.47
CA PHE A 89 -15.17 -0.89 7.86
C PHE A 89 -15.71 -1.40 6.55
N CYS A 90 -14.76 -1.56 5.64
CA CYS A 90 -15.02 -2.10 4.35
C CYS A 90 -14.37 -3.46 4.31
N ALA A 91 -14.94 -4.38 3.56
CA ALA A 91 -14.28 -5.64 3.30
C ALA A 91 -14.47 -6.01 1.85
N LEU A 92 -13.42 -6.57 1.25
CA LEU A 92 -13.42 -7.03 -0.14
C LEU A 92 -12.93 -8.42 -0.14
N TRP A 93 -13.56 -9.24 -0.97
CA TRP A 93 -13.13 -10.58 -1.31
C TRP A 93 -12.08 -10.49 -2.42
N ASP A 94 -10.85 -10.87 -2.10
CA ASP A 94 -9.76 -10.80 -3.03
C ASP A 94 -8.94 -12.07 -2.92
N SER A 95 -8.69 -12.70 -4.07
CA SER A 95 -7.95 -13.96 -4.12
C SER A 95 -8.51 -14.88 -3.03
N ASN A 96 -9.81 -15.20 -3.15
CA ASN A 96 -10.49 -16.10 -2.20
C ASN A 96 -10.18 -15.90 -0.72
N HIS A 97 -9.92 -14.66 -0.34
CA HIS A 97 -9.72 -14.29 1.05
C HIS A 97 -10.51 -13.04 1.37
N LEU A 98 -11.21 -13.01 2.49
CA LEU A 98 -11.94 -11.78 2.85
C LEU A 98 -11.06 -10.80 3.62
N VAL A 99 -10.76 -9.65 3.01
CA VAL A 99 -9.88 -8.66 3.65
C VAL A 99 -10.63 -7.37 4.01
N PHE A 100 -10.44 -6.92 5.26
CA PHE A 100 -10.92 -5.63 5.73
C PHE A 100 -9.84 -4.55 5.54
N GLY A 101 -10.28 -3.33 5.22
CA GLY A 101 -9.39 -2.16 5.22
C GLY A 101 -9.08 -1.69 6.64
N GLY A 102 -8.62 -0.45 6.75
CA GLY A 102 -8.24 0.11 8.05
C GLY A 102 -9.34 0.87 8.74
N GLY A 103 -10.51 0.93 8.11
CA GLY A 103 -11.68 1.65 8.65
C GLY A 103 -11.71 3.16 8.41
N THR A 104 -12.91 3.71 8.22
CA THR A 104 -13.10 5.19 8.18
C THR A 104 -13.80 5.68 9.44
N LYS A 105 -13.26 6.70 10.07
CA LYS A 105 -13.94 7.26 11.22
C LYS A 105 -14.83 8.38 10.68
N LEU A 106 -16.15 8.25 10.78
CA LEU A 106 -17.04 9.27 10.24
C LEU A 106 -17.60 10.06 11.38
N THR A 107 -17.35 11.38 11.33
CA THR A 107 -17.92 12.33 12.29
C THR A 107 -19.18 12.93 11.71
N VAL A 108 -20.25 12.98 12.50
CA VAL A 108 -21.50 13.64 12.07
C VAL A 108 -21.80 14.69 13.09
N LEU A 109 -21.57 15.95 12.69
CA LEU A 109 -21.50 17.06 13.63
C LEU A 109 -22.82 17.25 14.33
N GLY A 110 -22.85 16.97 15.63
CA GLY A 110 -24.03 17.19 16.44
C GLY A 110 -23.79 18.21 17.54
N GLN A 111 -22.82 19.09 17.29
CA GLN A 111 -22.52 20.24 18.14
C GLN A 111 -21.30 20.89 17.52
N PRO A 112 -21.04 22.18 17.83
CA PRO A 112 -19.95 22.90 17.17
C PRO A 112 -18.61 22.24 17.42
N LYS A 113 -17.73 22.27 16.42
CA LYS A 113 -16.34 21.80 16.57
C LYS A 113 -15.73 22.49 17.77
N SER A 114 -14.99 21.75 18.60
CA SER A 114 -14.20 22.32 19.72
C SER A 114 -12.77 21.98 19.49
N SER A 115 -11.90 22.86 19.94
CA SER A 115 -10.49 22.56 19.96
C SER A 115 -10.07 22.09 21.37
N PRO A 116 -8.92 21.38 21.45
CA PRO A 116 -8.45 20.65 22.61
C PRO A 116 -7.94 21.49 23.78
N SER A 117 -8.13 20.97 24.99
CA SER A 117 -7.45 21.43 26.23
C SER A 117 -6.27 20.53 26.57
N VAL A 118 -5.09 21.00 26.22
CA VAL A 118 -3.83 20.28 26.38
C VAL A 118 -3.28 20.67 27.73
N THR A 119 -2.77 19.73 28.49
CA THR A 119 -2.12 20.07 29.75
C THR A 119 -0.90 19.21 29.83
N LEU A 120 0.23 19.80 30.19
CA LEU A 120 1.44 18.99 30.33
C LEU A 120 1.94 18.95 31.76
N PHE A 121 1.94 17.76 32.35
CA PHE A 121 2.54 17.51 33.68
C PHE A 121 3.98 16.98 33.61
N PRO A 122 4.91 17.63 34.33
CA PRO A 122 6.27 17.07 34.32
C PRO A 122 6.33 15.76 35.09
N PRO A 123 7.52 15.12 35.20
CA PRO A 123 7.62 13.91 36.02
C PRO A 123 7.56 14.23 37.49
N SER A 124 6.89 13.39 38.27
CA SER A 124 6.84 13.57 39.73
C SER A 124 8.22 13.43 40.36
N SER A 125 8.49 14.21 41.41
CA SER A 125 9.77 14.10 42.11
C SER A 125 9.96 12.69 42.67
N GLU A 126 8.84 12.03 42.98
CA GLU A 126 8.82 10.66 43.47
C GLU A 126 9.18 9.61 42.42
N GLU A 127 8.63 9.73 41.21
CA GLU A 127 8.89 8.75 40.15
C GLU A 127 10.38 8.73 39.70
N LEU A 128 11.03 9.90 39.80
CA LEU A 128 12.46 10.05 39.51
C LEU A 128 13.32 9.19 40.44
N GLU A 129 12.89 9.05 41.69
CA GLU A 129 13.59 8.15 42.62
C GLU A 129 13.74 6.70 42.15
N THR A 130 13.06 6.34 41.05
CA THR A 130 13.21 5.00 40.45
C THR A 130 14.06 5.07 39.18
N ASN A 131 14.72 6.22 38.96
CA ASN A 131 15.46 6.51 37.72
C ASN A 131 14.64 6.40 36.43
N LYS A 132 13.39 6.80 36.52
CA LYS A 132 12.46 6.78 35.39
C LYS A 132 11.74 8.11 35.41
N ALA A 133 11.25 8.54 34.25
CA ALA A 133 10.56 9.82 34.13
C ALA A 133 9.50 9.72 33.04
N THR A 134 8.28 10.06 33.44
CA THR A 134 7.11 10.00 32.59
C THR A 134 6.45 11.38 32.55
N LEU A 135 6.35 11.96 31.38
CA LEU A 135 5.53 13.17 31.25
C LEU A 135 4.16 12.75 30.71
N VAL A 136 3.14 13.51 31.07
CA VAL A 136 1.75 13.16 30.78
C VAL A 136 1.15 14.36 30.08
N CYS A 137 0.53 14.12 28.94
CA CYS A 137 -0.08 15.17 28.18
C CYS A 137 -1.54 14.75 28.09
N THR A 138 -2.37 15.40 28.90
CA THR A 138 -3.76 15.15 28.82
C THR A 138 -4.39 16.10 27.77
N ILE A 139 -5.21 15.50 26.89
CA ILE A 139 -5.88 16.18 25.79
C ILE A 139 -7.40 15.97 25.88
N THR A 140 -8.14 17.05 26.16
CA THR A 140 -9.60 16.94 26.39
C THR A 140 -10.45 17.81 25.49
N ASP A 141 -11.76 17.58 25.57
CA ASP A 141 -12.81 18.40 24.95
C ASP A 141 -12.73 18.71 23.47
N PHE A 142 -12.12 17.83 22.67
CA PHE A 142 -11.98 18.11 21.23
C PHE A 142 -13.01 17.40 20.35
N TYR A 143 -13.37 18.02 19.23
CA TYR A 143 -14.40 17.47 18.38
C TYR A 143 -14.31 18.14 17.06
N PRO A 144 -14.13 17.38 15.96
CA PRO A 144 -14.23 15.92 15.86
C PRO A 144 -13.16 15.14 16.65
N GLY A 145 -13.48 13.88 16.99
CA GLY A 145 -12.54 12.97 17.66
C GLY A 145 -11.24 12.47 16.99
N VAL A 146 -10.65 13.23 16.09
CA VAL A 146 -9.38 12.84 15.44
C VAL A 146 -8.21 13.74 15.88
N VAL A 147 -7.13 13.14 16.34
CA VAL A 147 -5.97 13.93 16.75
C VAL A 147 -4.57 13.28 16.42
N THR A 148 -3.55 14.11 16.17
CA THR A 148 -2.18 13.56 16.05
C THR A 148 -1.28 14.30 17.03
N VAL A 149 -0.62 13.56 17.92
CA VAL A 149 0.20 14.14 19.00
C VAL A 149 1.65 13.89 18.68
N ASP A 150 2.48 14.90 18.90
CA ASP A 150 3.90 14.85 18.64
C ASP A 150 4.64 15.41 19.81
N TRP A 151 5.81 14.85 20.10
CA TRP A 151 6.65 15.36 21.19
C TRP A 151 8.00 15.91 20.67
N LYS A 152 8.57 16.81 21.48
CA LYS A 152 9.86 17.45 21.22
C LYS A 152 10.63 17.65 22.53
N VAL A 153 11.88 17.20 22.48
CA VAL A 153 12.83 17.36 23.55
C VAL A 153 14.00 18.15 22.98
N ASP A 154 14.25 19.31 23.60
CA ASP A 154 15.35 20.20 23.24
C ASP A 154 15.25 20.66 21.79
N GLY A 155 14.03 20.66 21.26
CA GLY A 155 13.72 21.26 19.98
C GLY A 155 13.67 20.21 18.90
N THR A 156 13.99 18.97 19.27
CA THR A 156 13.93 17.88 18.30
C THR A 156 12.83 16.84 18.56
N PRO A 157 12.13 16.40 17.50
CA PRO A 157 11.06 15.43 17.63
C PRO A 157 11.58 14.13 18.24
N VAL A 158 10.87 13.62 19.25
CA VAL A 158 11.23 12.39 19.94
C VAL A 158 10.77 11.23 19.06
N THR A 159 11.67 10.29 18.76
CA THR A 159 11.32 9.15 17.90
C THR A 159 10.57 8.14 18.75
N GLN A 160 11.30 7.52 19.68
CA GLN A 160 10.81 6.41 20.51
C GLN A 160 10.43 6.85 21.92
N GLY A 161 9.71 6.01 22.64
CA GLY A 161 9.33 6.32 24.03
C GLY A 161 7.95 6.92 24.27
N MET A 162 7.17 7.10 23.22
CA MET A 162 5.86 7.70 23.37
C MET A 162 4.76 6.71 22.99
N GLU A 163 3.71 6.66 23.81
CA GLU A 163 2.46 6.04 23.39
C GLU A 163 1.38 7.10 23.54
N THR A 164 0.39 7.07 22.64
CA THR A 164 -0.81 7.90 22.78
C THR A 164 -2.06 7.04 22.75
N THR A 165 -2.94 7.16 23.76
CA THR A 165 -4.20 6.41 23.74
C THR A 165 -5.10 6.84 22.59
N GLN A 166 -5.90 5.90 22.13
CA GLN A 166 -6.91 6.14 21.13
C GLN A 166 -7.94 7.14 21.68
N PRO A 167 -8.45 8.06 20.85
CA PRO A 167 -9.42 9.03 21.35
C PRO A 167 -10.65 8.28 21.85
N SER A 168 -11.09 8.60 23.05
CA SER A 168 -12.36 8.08 23.57
C SER A 168 -13.45 9.15 23.86
N LYS A 169 -14.68 8.84 23.47
CA LYS A 169 -15.89 9.66 23.70
C LYS A 169 -16.13 10.03 25.18
N GLN A 170 -16.24 11.34 25.44
CA GLN A 170 -16.65 11.89 26.75
C GLN A 170 -18.17 11.97 26.89
N SER A 171 -18.64 11.98 28.13
CA SER A 171 -20.07 12.08 28.45
C SER A 171 -20.89 13.17 27.70
N ASN A 172 -20.24 14.32 27.41
CA ASN A 172 -20.77 15.43 26.58
C ASN A 172 -20.46 15.28 25.06
N ASN A 173 -20.21 14.04 24.61
CA ASN A 173 -20.04 13.72 23.17
C ASN A 173 -18.83 14.34 22.43
N LYS A 174 -17.93 14.95 23.19
CA LYS A 174 -16.63 15.37 22.68
C LYS A 174 -15.60 14.25 22.98
N TYR A 175 -14.34 14.45 22.63
CA TYR A 175 -13.35 13.40 22.88
C TYR A 175 -12.15 13.82 23.72
N MET A 176 -11.54 12.81 24.32
CA MET A 176 -10.40 13.02 25.16
C MET A 176 -9.31 12.04 24.75
N ALA A 177 -8.10 12.28 25.24
CA ALA A 177 -6.96 11.41 24.99
C ALA A 177 -5.81 11.91 25.84
N SER A 178 -4.86 11.01 26.06
CA SER A 178 -3.62 11.32 26.78
C SER A 178 -2.36 10.77 26.11
N SER A 179 -1.25 11.46 26.23
CA SER A 179 -0.01 10.91 25.67
C SER A 179 1.06 10.86 26.77
N TYR A 180 1.83 9.78 26.85
CA TYR A 180 2.94 9.71 27.81
C TYR A 180 4.25 9.77 27.07
N LEU A 181 5.25 10.42 27.69
CA LEU A 181 6.61 10.45 27.18
C LEU A 181 7.57 9.80 28.18
N THR A 182 7.82 8.52 28.04
CA THR A 182 8.69 7.85 29.00
C THR A 182 10.20 8.06 28.72
N LEU A 183 10.97 8.33 29.78
CA LEU A 183 12.43 8.51 29.73
C LEU A 183 13.05 7.92 30.98
N THR A 184 14.34 7.61 30.96
CA THR A 184 15.05 7.38 32.22
C THR A 184 15.24 8.73 32.89
N ALA A 185 15.39 8.71 34.22
CA ALA A 185 15.71 9.93 34.96
C ALA A 185 17.02 10.57 34.44
N ARG A 186 17.99 9.73 34.02
CA ARG A 186 19.21 10.24 33.43
C ARG A 186 18.88 11.12 32.22
N ALA A 187 18.18 10.56 31.23
CA ALA A 187 17.75 11.30 30.03
C ALA A 187 17.02 12.63 30.36
N TRP A 188 16.10 12.61 31.32
CA TRP A 188 15.40 13.85 31.77
C TRP A 188 16.31 14.93 32.42
N GLU A 189 17.34 14.49 33.14
CA GLU A 189 18.30 15.42 33.70
C GLU A 189 19.12 16.10 32.58
N ARG A 190 19.60 15.32 31.61
CA ARG A 190 20.43 15.85 30.52
C ARG A 190 19.76 16.95 29.67
N HIS A 191 18.47 16.80 29.42
CA HIS A 191 17.82 17.73 28.53
C HIS A 191 17.05 18.78 29.27
N SER A 192 16.72 19.85 28.56
CA SER A 192 16.13 21.01 29.21
C SER A 192 14.69 21.33 28.75
N SER A 193 14.35 21.08 27.48
CA SER A 193 13.06 21.55 26.96
C SER A 193 12.19 20.43 26.42
N TYR A 194 10.88 20.54 26.66
CA TYR A 194 9.90 19.45 26.48
C TYR A 194 8.53 19.96 26.09
N SER A 195 8.04 19.48 24.95
CA SER A 195 6.78 19.91 24.39
C SER A 195 5.96 18.74 24.01
N CYS A 196 4.65 18.92 24.11
CA CYS A 196 3.66 18.00 23.57
C CYS A 196 2.87 18.87 22.61
N GLN A 197 2.68 18.35 21.40
CA GLN A 197 2.04 19.12 20.33
C GLN A 197 0.86 18.35 19.78
N VAL A 198 -0.28 19.01 19.71
CA VAL A 198 -1.53 18.34 19.39
C VAL A 198 -2.11 19.05 18.20
N THR A 199 -2.27 18.32 17.10
CA THR A 199 -2.82 18.86 15.88
C THR A 199 -4.29 18.43 15.72
N HIS A 200 -5.18 19.41 15.66
CA HIS A 200 -6.61 19.17 15.53
C HIS A 200 -7.13 20.21 14.55
N GLU A 201 -8.05 19.79 13.66
CA GLU A 201 -8.64 20.67 12.66
C GLU A 201 -7.62 21.73 12.26
N GLY A 202 -6.50 21.29 11.69
CA GLY A 202 -5.54 22.22 11.09
C GLY A 202 -4.45 22.65 12.04
N HIS A 203 -4.67 23.73 12.79
CA HIS A 203 -3.66 24.28 13.71
C HIS A 203 -3.10 23.32 14.77
N THR A 204 -2.00 23.72 15.40
CA THR A 204 -1.36 22.96 16.49
C THR A 204 -1.49 23.64 17.87
N VAL A 205 -1.82 22.88 18.91
CA VAL A 205 -1.83 23.44 20.27
C VAL A 205 -0.67 22.90 21.11
N GLU A 206 0.29 23.78 21.40
CA GLU A 206 1.50 23.36 22.09
C GLU A 206 1.52 23.83 23.54
N LYS A 207 1.78 22.90 24.44
CA LYS A 207 2.10 23.25 25.81
C LYS A 207 3.53 22.82 26.02
N SER A 208 4.35 23.78 26.43
CA SER A 208 5.79 23.59 26.47
C SER A 208 6.29 23.56 27.92
N LEU A 209 7.49 23.04 28.15
CA LEU A 209 8.01 22.88 29.51
C LEU A 209 9.52 22.70 29.53
N SER A 210 10.16 23.39 30.46
CA SER A 210 11.59 23.21 30.73
C SER A 210 11.78 23.17 32.23
N PRO A 211 12.15 22.01 32.83
CA PRO A 211 11.92 21.92 34.26
C PRO A 211 11.23 23.18 34.83
N ALA A 212 10.01 23.41 34.34
CA ALA A 212 9.18 24.62 34.61
C ALA A 212 8.50 25.18 33.32
N GLU B 1 -34.18 -12.11 19.60
CA GLU B 1 -34.10 -12.03 18.12
C GLU B 1 -32.68 -12.26 17.64
N VAL B 2 -32.32 -13.56 17.52
CA VAL B 2 -30.94 -14.04 17.27
C VAL B 2 -29.89 -13.46 18.19
N GLN B 3 -29.28 -14.30 19.02
CA GLN B 3 -28.24 -13.85 19.91
C GLN B 3 -26.91 -14.55 19.66
N LEU B 4 -25.85 -13.78 19.46
CA LEU B 4 -24.53 -14.41 19.46
C LEU B 4 -23.76 -14.06 20.73
N GLN B 5 -23.29 -15.09 21.45
CA GLN B 5 -22.55 -14.90 22.70
C GLN B 5 -21.21 -15.61 22.78
N GLU B 6 -20.12 -14.84 22.75
CA GLU B 6 -18.80 -15.48 22.84
C GLU B 6 -18.38 -15.82 24.26
N SER B 7 -17.69 -16.94 24.44
CA SER B 7 -17.18 -17.36 25.75
C SER B 7 -15.73 -17.70 25.62
N GLY B 8 -14.99 -17.51 26.70
CA GLY B 8 -13.64 -18.00 26.78
C GLY B 8 -12.94 -17.40 27.97
N PRO B 9 -11.65 -17.70 28.10
CA PRO B 9 -10.75 -17.10 29.08
C PRO B 9 -10.70 -15.61 28.84
N SER B 10 -10.34 -14.82 29.85
CA SER B 10 -10.09 -13.42 29.60
C SER B 10 -8.59 -13.19 29.54
N LEU B 11 -7.85 -14.08 30.20
CA LEU B 11 -6.40 -14.02 30.27
C LEU B 11 -5.74 -15.39 30.03
N VAL B 12 -4.69 -15.40 29.20
CA VAL B 12 -3.97 -16.62 28.80
C VAL B 12 -2.47 -16.30 28.66
N LYS B 13 -1.60 -17.17 29.18
CA LYS B 13 -0.13 -16.96 29.11
C LYS B 13 0.45 -17.35 27.75
N PRO B 14 1.42 -16.56 27.20
CA PRO B 14 2.00 -16.85 25.89
C PRO B 14 2.58 -18.23 25.82
N SER B 15 2.55 -18.80 24.61
CA SER B 15 2.88 -20.23 24.32
C SER B 15 1.64 -21.11 24.27
N GLN B 16 0.55 -20.66 24.90
CA GLN B 16 -0.59 -21.54 25.16
C GLN B 16 -1.62 -21.65 24.03
N THR B 17 -2.76 -22.27 24.36
CA THR B 17 -3.84 -22.56 23.42
C THR B 17 -5.17 -21.97 23.90
N LEU B 18 -5.48 -20.80 23.35
CA LEU B 18 -6.76 -20.12 23.56
C LEU B 18 -7.90 -20.94 23.00
N SER B 19 -8.98 -21.01 23.77
CA SER B 19 -10.15 -21.72 23.34
C SER B 19 -11.39 -20.81 23.40
N LEU B 20 -12.09 -20.65 22.28
CA LEU B 20 -13.28 -19.79 22.28
C LEU B 20 -14.54 -20.50 21.82
N THR B 21 -15.66 -20.24 22.49
CA THR B 21 -16.99 -20.77 22.15
C THR B 21 -17.96 -19.62 21.74
N CYS B 22 -18.84 -19.88 20.78
CA CYS B 22 -19.91 -18.95 20.40
C CYS B 22 -21.22 -19.70 20.52
N SER B 23 -22.04 -19.28 21.47
CA SER B 23 -23.37 -19.85 21.66
C SER B 23 -24.34 -19.06 20.81
N VAL B 24 -25.25 -19.77 20.14
CA VAL B 24 -26.16 -19.16 19.19
C VAL B 24 -27.57 -19.60 19.46
N THR B 25 -28.36 -18.66 19.93
CA THR B 25 -29.76 -18.93 20.20
C THR B 25 -30.63 -18.07 19.27
N GLY B 26 -31.77 -18.62 18.85
CA GLY B 26 -32.68 -17.91 17.94
C GLY B 26 -32.68 -18.55 16.56
N ASP B 27 -31.50 -19.01 16.09
CA ASP B 27 -31.40 -19.60 14.76
C ASP B 27 -30.39 -20.74 14.66
N SER B 28 -30.63 -21.66 13.71
CA SER B 28 -29.83 -22.88 13.52
C SER B 28 -28.51 -22.53 12.84
N ILE B 29 -27.40 -23.05 13.34
CA ILE B 29 -26.11 -22.72 12.70
C ILE B 29 -25.89 -23.57 11.49
N THR B 30 -26.94 -24.26 11.07
CA THR B 30 -26.92 -24.99 9.81
C THR B 30 -27.51 -24.18 8.63
N SER B 31 -27.39 -22.85 8.66
CA SER B 31 -27.91 -22.01 7.58
C SER B 31 -26.92 -21.06 6.92
N GLY B 32 -26.11 -20.38 7.71
CA GLY B 32 -25.25 -19.41 7.07
C GLY B 32 -23.80 -19.81 7.06
N TYR B 33 -22.93 -18.82 6.98
CA TYR B 33 -21.55 -19.04 7.22
C TYR B 33 -21.21 -18.36 8.51
N TRP B 34 -20.58 -19.15 9.40
CA TRP B 34 -20.31 -18.77 10.79
C TRP B 34 -18.84 -18.49 10.98
N ASN B 35 -18.54 -17.35 11.57
CA ASN B 35 -17.15 -16.90 11.53
C ASN B 35 -16.59 -16.15 12.71
N TRP B 36 -15.26 -16.12 12.80
CA TRP B 36 -14.53 -15.40 13.83
C TRP B 36 -13.87 -14.13 13.29
N ILE B 37 -13.97 -13.05 14.05
CA ILE B 37 -13.33 -11.78 13.68
C ILE B 37 -12.62 -11.18 14.91
N ARG B 38 -11.50 -10.51 14.69
CA ARG B 38 -10.73 -9.91 15.77
C ARG B 38 -10.69 -8.40 15.60
N LYS B 39 -10.61 -7.71 16.73
CA LYS B 39 -10.29 -6.28 16.79
C LYS B 39 -9.08 -6.09 17.69
N PHE B 40 -8.01 -5.58 17.11
CA PHE B 40 -6.79 -5.38 17.88
C PHE B 40 -6.94 -4.09 18.66
N PRO B 41 -6.22 -3.93 19.80
CA PRO B 41 -6.31 -2.67 20.54
C PRO B 41 -5.97 -1.48 19.63
N GLY B 42 -6.85 -0.49 19.60
CA GLY B 42 -6.80 0.54 18.55
C GLY B 42 -6.18 0.17 17.20
N ASN B 43 -6.30 -1.08 16.77
CA ASN B 43 -5.66 -1.57 15.50
C ASN B 43 -6.58 -2.17 14.39
N LYS B 44 -7.90 -1.97 14.52
CA LYS B 44 -8.81 -2.36 13.46
C LYS B 44 -8.97 -3.89 13.29
N LEU B 45 -9.82 -4.30 12.35
CA LEU B 45 -10.26 -5.69 12.22
C LEU B 45 -9.30 -6.63 11.49
N GLU B 46 -9.39 -7.90 11.86
CA GLU B 46 -8.86 -9.00 11.05
C GLU B 46 -9.90 -10.12 11.00
N TYR B 47 -10.28 -10.50 9.77
CA TYR B 47 -11.07 -11.69 9.52
C TYR B 47 -10.26 -12.95 9.83
N MET B 48 -10.72 -13.71 10.82
CA MET B 48 -10.09 -14.97 11.25
C MET B 48 -10.33 -16.06 10.23
N GLY B 49 -11.59 -16.44 10.11
CA GLY B 49 -11.97 -17.53 9.23
C GLY B 49 -13.40 -17.95 9.49
N TYR B 50 -13.81 -19.06 8.88
CA TYR B 50 -15.17 -19.48 9.01
C TYR B 50 -15.35 -20.96 8.95
N ILE B 51 -16.53 -21.39 9.34
CA ILE B 51 -17.03 -22.77 9.14
C ILE B 51 -18.42 -22.67 8.48
N SER B 52 -18.70 -23.50 7.51
CA SER B 52 -19.97 -23.42 6.88
C SER B 52 -21.07 -24.03 7.74
N TYR B 53 -22.31 -23.81 7.32
CA TYR B 53 -23.44 -24.56 7.82
C TYR B 53 -23.39 -26.06 7.49
N GLY B 54 -22.44 -26.47 6.63
CA GLY B 54 -22.13 -27.91 6.41
C GLY B 54 -20.76 -28.32 6.99
N GLY B 55 -20.19 -27.51 7.88
CA GLY B 55 -18.86 -27.78 8.41
C GLY B 55 -17.59 -27.51 7.59
N SER B 56 -17.75 -27.02 6.36
CA SER B 56 -16.62 -26.71 5.49
C SER B 56 -15.85 -25.58 6.15
N THR B 57 -14.53 -25.67 6.23
CA THR B 57 -13.79 -24.56 6.87
C THR B 57 -13.02 -23.68 5.87
N TYR B 58 -12.73 -22.45 6.29
CA TYR B 58 -11.78 -21.60 5.59
C TYR B 58 -11.07 -20.67 6.58
N TYR B 59 -9.75 -20.62 6.50
CA TYR B 59 -8.92 -19.82 7.42
C TYR B 59 -8.09 -18.75 6.69
N ASN B 60 -7.93 -17.58 7.30
CA ASN B 60 -6.93 -16.56 6.92
C ASN B 60 -5.57 -17.22 6.56
N PRO B 61 -4.90 -16.79 5.50
CA PRO B 61 -3.61 -17.45 5.24
C PRO B 61 -2.52 -17.13 6.29
N SER B 62 -2.75 -16.10 7.11
CA SER B 62 -1.87 -15.75 8.24
C SER B 62 -2.16 -16.57 9.50
N LEU B 63 -3.12 -17.49 9.44
CA LEU B 63 -3.54 -18.17 10.65
C LEU B 63 -3.61 -19.68 10.50
N GLU B 64 -3.57 -20.15 9.25
CA GLU B 64 -3.70 -21.58 8.96
C GLU B 64 -2.95 -22.53 9.92
N SER B 65 -1.71 -22.18 10.21
CA SER B 65 -0.90 -23.05 11.03
C SER B 65 -1.40 -23.18 12.46
N ARG B 66 -2.06 -22.14 12.97
CA ARG B 66 -2.46 -22.04 14.36
C ARG B 66 -3.95 -22.28 14.58
N ILE B 67 -4.77 -21.67 13.73
CA ILE B 67 -6.23 -21.67 13.93
C ILE B 67 -6.95 -22.99 13.57
N SER B 68 -8.05 -23.24 14.28
CA SER B 68 -8.88 -24.40 14.08
C SER B 68 -10.31 -23.97 14.44
N ILE B 69 -11.26 -24.14 13.51
CA ILE B 69 -12.65 -23.79 13.78
C ILE B 69 -13.50 -25.05 13.77
N THR B 70 -14.07 -25.37 14.91
CA THR B 70 -14.97 -26.52 14.95
C THR B 70 -16.33 -26.00 15.32
N ARG B 71 -17.29 -26.93 15.35
CA ARG B 71 -18.70 -26.69 15.65
C ARG B 71 -19.29 -27.99 16.16
N ASP B 72 -20.47 -27.92 16.79
CA ASP B 72 -21.20 -29.10 17.22
C ASP B 72 -22.68 -28.75 17.24
N THR B 73 -23.33 -29.02 16.12
CA THR B 73 -24.71 -28.60 15.89
C THR B 73 -25.67 -28.96 17.04
N SER B 74 -25.45 -30.12 17.66
CA SER B 74 -26.29 -30.56 18.75
C SER B 74 -26.52 -29.50 19.80
N LYS B 75 -25.45 -28.83 20.22
CA LYS B 75 -25.53 -27.78 21.25
C LYS B 75 -25.72 -26.42 20.57
N ASN B 76 -25.68 -26.44 19.24
CA ASN B 76 -25.69 -25.25 18.42
C ASN B 76 -24.63 -24.23 18.80
N GLN B 77 -23.38 -24.62 18.76
CA GLN B 77 -22.32 -23.63 18.94
C GLN B 77 -21.14 -23.94 18.02
N TYR B 78 -20.35 -22.96 17.64
CA TYR B 78 -19.04 -23.28 17.04
C TYR B 78 -17.91 -22.77 17.94
N TYR B 79 -16.67 -22.96 17.50
CA TYR B 79 -15.53 -22.75 18.38
C TYR B 79 -14.31 -22.18 17.63
N LEU B 80 -13.47 -21.45 18.35
CA LEU B 80 -12.17 -21.04 17.82
C LEU B 80 -11.08 -21.51 18.75
N GLN B 81 -10.07 -22.10 18.13
CA GLN B 81 -8.89 -22.55 18.85
C GLN B 81 -7.70 -21.92 18.16
N LEU B 82 -6.77 -21.42 18.97
CA LEU B 82 -5.64 -20.71 18.45
C LEU B 82 -4.46 -21.05 19.34
N ASN B 83 -3.54 -21.90 18.88
CA ASN B 83 -2.41 -22.23 19.72
C ASN B 83 -1.21 -21.34 19.43
N SER B 84 -0.09 -21.62 20.10
CA SER B 84 1.15 -20.81 20.05
C SER B 84 0.80 -19.35 20.14
N VAL B 85 0.07 -19.01 21.20
CA VAL B 85 -0.46 -17.66 21.35
C VAL B 85 0.68 -16.72 21.68
N THR B 86 0.63 -15.54 21.08
CA THR B 86 1.64 -14.52 21.33
C THR B 86 1.02 -13.16 21.74
N THR B 87 1.84 -12.31 22.36
CA THR B 87 1.49 -10.93 22.68
C THR B 87 0.59 -10.30 21.60
N GLU B 88 0.82 -10.68 20.33
CA GLU B 88 0.13 -10.10 19.18
C GLU B 88 -1.29 -10.63 19.04
N ASP B 89 -1.63 -11.67 19.79
CA ASP B 89 -3.01 -12.18 19.83
C ASP B 89 -3.93 -11.47 20.85
N THR B 90 -3.38 -10.55 21.64
CA THR B 90 -4.17 -9.73 22.58
C THR B 90 -5.18 -8.89 21.77
N ALA B 91 -6.48 -9.12 21.99
CA ALA B 91 -7.51 -8.49 21.16
C ALA B 91 -8.86 -8.82 21.69
N THR B 92 -9.90 -8.23 21.10
CA THR B 92 -11.27 -8.63 21.43
C THR B 92 -11.83 -9.47 20.28
N TYR B 93 -12.43 -10.61 20.61
CA TYR B 93 -12.84 -11.61 19.62
C TYR B 93 -14.34 -11.58 19.45
N PHE B 94 -14.76 -11.62 18.19
CA PHE B 94 -16.19 -11.59 17.85
C PHE B 94 -16.61 -12.81 17.06
N CYS B 95 -17.85 -13.26 17.25
CA CYS B 95 -18.43 -14.16 16.23
C CYS B 95 -19.53 -13.44 15.47
N ALA B 96 -19.71 -13.79 14.20
CA ALA B 96 -20.71 -13.14 13.38
C ALA B 96 -21.23 -14.08 12.29
N ARG B 97 -22.43 -13.82 11.77
CA ARG B 97 -22.88 -14.59 10.62
C ARG B 97 -22.74 -13.84 9.28
N LEU B 98 -22.65 -14.63 8.23
CA LEU B 98 -22.48 -14.11 6.90
C LEU B 98 -23.49 -14.87 6.06
N PHE B 99 -24.54 -14.17 5.64
CA PHE B 99 -25.47 -14.64 4.62
C PHE B 99 -24.65 -14.86 3.34
N GLY B 100 -23.94 -15.99 3.25
CA GLY B 100 -22.77 -16.22 2.37
C GLY B 100 -22.68 -15.34 1.17
N SER B 101 -21.51 -14.79 0.87
CA SER B 101 -21.41 -13.79 -0.24
C SER B 101 -21.97 -12.41 0.01
N TYR B 102 -23.06 -12.31 0.78
CA TYR B 102 -23.66 -11.03 1.09
C TYR B 102 -23.23 -10.41 2.44
N TYR B 103 -24.15 -9.69 3.06
CA TYR B 103 -23.89 -8.90 4.26
C TYR B 103 -23.73 -9.75 5.51
N PHE B 104 -23.17 -9.16 6.57
CA PHE B 104 -23.05 -9.78 7.88
C PHE B 104 -24.32 -9.53 8.67
N ASP B 105 -25.22 -10.51 8.81
CA ASP B 105 -26.32 -10.38 9.77
C ASP B 105 -26.00 -11.09 11.08
N TYR B 106 -26.02 -10.41 12.22
CA TYR B 106 -25.69 -11.01 13.55
C TYR B 106 -24.20 -10.98 13.85
N TRP B 107 -23.85 -10.24 14.89
CA TRP B 107 -22.51 -10.20 15.46
C TRP B 107 -22.72 -10.35 16.95
N GLY B 108 -21.76 -10.95 17.64
CA GLY B 108 -21.80 -11.03 19.11
C GLY B 108 -21.36 -9.72 19.74
N GLN B 109 -21.38 -9.69 21.08
CA GLN B 109 -20.80 -8.57 21.82
C GLN B 109 -19.25 -8.58 21.82
N GLY B 110 -18.64 -9.74 21.58
CA GLY B 110 -17.19 -9.89 21.74
C GLY B 110 -16.76 -10.29 23.16
N THR B 111 -15.57 -10.88 23.27
CA THR B 111 -14.87 -11.11 24.55
C THR B 111 -13.43 -10.68 24.37
N THR B 112 -12.97 -9.87 25.31
CA THR B 112 -11.60 -9.44 25.33
C THR B 112 -10.77 -10.62 25.70
N LEU B 113 -9.65 -10.79 25.01
CA LEU B 113 -8.63 -11.73 25.45
C LEU B 113 -7.30 -11.01 25.65
N THR B 114 -6.61 -11.36 26.72
CA THR B 114 -5.32 -10.74 26.98
C THR B 114 -4.25 -11.83 27.06
N VAL B 115 -3.15 -11.62 26.33
CA VAL B 115 -1.96 -12.48 26.38
C VAL B 115 -0.77 -11.79 27.08
N SER B 116 -0.41 -12.34 28.24
CA SER B 116 0.64 -11.76 29.07
C SER B 116 1.18 -12.78 30.04
N SER B 117 2.49 -12.72 30.28
CA SER B 117 3.09 -13.59 31.28
C SER B 117 3.25 -12.83 32.62
N ALA B 118 2.89 -11.55 32.59
CA ALA B 118 2.94 -10.70 33.78
C ALA B 118 2.26 -11.33 35.00
N LYS B 119 2.86 -11.05 36.16
CA LYS B 119 2.36 -11.44 37.46
C LYS B 119 1.65 -10.27 38.10
N THR B 120 0.60 -10.55 38.86
CA THR B 120 -0.21 -9.54 39.54
C THR B 120 0.60 -8.44 40.21
N THR B 121 0.50 -7.23 39.69
CA THR B 121 1.35 -6.14 40.10
C THR B 121 0.52 -4.92 40.49
N PRO B 122 0.67 -4.45 41.74
CA PRO B 122 -0.01 -3.23 42.17
C PRO B 122 0.61 -2.00 41.51
N PRO B 123 -0.19 -0.93 41.34
CA PRO B 123 0.24 0.30 40.67
C PRO B 123 1.07 1.22 41.55
N SER B 124 2.04 1.89 40.92
CA SER B 124 2.78 2.97 41.53
C SER B 124 2.05 4.29 41.24
N VAL B 125 1.45 4.87 42.27
CA VAL B 125 0.63 6.04 42.11
C VAL B 125 1.47 7.28 42.34
N TYR B 126 1.47 8.19 41.38
CA TYR B 126 2.31 9.37 41.50
C TYR B 126 1.43 10.54 41.20
N PRO B 127 1.48 11.55 42.04
CA PRO B 127 0.59 12.68 41.93
C PRO B 127 1.13 13.65 40.92
N LEU B 128 0.26 14.13 40.03
CA LEU B 128 0.68 15.04 38.93
C LEU B 128 0.20 16.47 39.17
N ALA B 129 1.16 17.35 39.44
CA ALA B 129 0.88 18.76 39.77
C ALA B 129 1.62 19.66 38.80
N PRO B 130 0.99 20.80 38.41
CA PRO B 130 1.55 21.73 37.43
C PRO B 130 2.79 22.47 37.96
N GLY B 131 2.69 22.90 39.21
CA GLY B 131 3.66 23.76 39.89
C GLY B 131 3.07 24.34 41.17
N SER B 138 -6.51 31.10 36.61
CA SER B 138 -7.92 31.12 36.96
C SER B 138 -8.41 29.75 37.44
N MET B 139 -8.33 28.72 36.56
CA MET B 139 -8.69 27.34 36.96
C MET B 139 -7.49 26.39 36.89
N VAL B 140 -7.37 25.49 37.86
CA VAL B 140 -6.17 24.64 37.99
C VAL B 140 -6.47 23.20 37.61
N THR B 141 -5.51 22.53 36.96
CA THR B 141 -5.71 21.14 36.49
C THR B 141 -4.68 20.19 37.08
N LEU B 142 -5.18 19.34 37.98
CA LEU B 142 -4.39 18.38 38.71
C LEU B 142 -4.59 17.02 38.05
N GLY B 143 -3.66 16.10 38.24
CA GLY B 143 -3.75 14.79 37.62
C GLY B 143 -3.14 13.68 38.45
N CYS B 144 -3.30 12.44 37.99
CA CYS B 144 -2.81 11.30 38.75
C CYS B 144 -2.32 10.16 37.86
N LEU B 145 -1.07 9.76 38.09
CA LEU B 145 -0.39 8.73 37.29
C LEU B 145 -0.42 7.32 37.92
N VAL B 146 -1.28 6.44 37.40
CA VAL B 146 -1.30 5.08 37.87
C VAL B 146 -0.41 4.28 36.95
N LYS B 147 0.82 4.03 37.42
CA LYS B 147 1.85 3.44 36.59
C LYS B 147 2.28 2.08 37.11
N GLY B 148 2.26 1.09 36.21
CA GLY B 148 2.88 -0.24 36.41
C GLY B 148 2.02 -1.27 37.13
N TYR B 149 0.81 -1.54 36.63
CA TYR B 149 -0.11 -2.45 37.30
C TYR B 149 -0.51 -3.61 36.39
N PHE B 150 -0.91 -4.74 36.97
CA PHE B 150 -1.49 -5.83 36.19
C PHE B 150 -2.31 -6.75 37.07
N PRO B 151 -3.49 -7.22 36.59
CA PRO B 151 -4.18 -6.93 35.34
C PRO B 151 -5.08 -5.70 35.52
N GLU B 152 -5.96 -5.43 34.55
CA GLU B 152 -7.02 -4.41 34.77
C GLU B 152 -8.19 -5.03 35.56
N PRO B 153 -9.06 -4.19 36.17
CA PRO B 153 -9.05 -2.75 36.00
C PRO B 153 -8.45 -2.11 37.22
N VAL B 154 -8.45 -0.78 37.24
CA VAL B 154 -8.22 -0.02 38.44
C VAL B 154 -9.45 0.81 38.67
N THR B 155 -9.66 1.24 39.92
CA THR B 155 -10.73 2.19 40.20
C THR B 155 -10.11 3.47 40.82
N VAL B 156 -10.35 4.59 40.12
CA VAL B 156 -9.72 5.89 40.39
C VAL B 156 -10.77 6.93 40.78
N THR B 157 -10.55 7.62 41.90
CA THR B 157 -11.43 8.71 42.35
C THR B 157 -10.64 9.83 42.99
N TRP B 158 -11.26 11.01 43.06
CA TRP B 158 -10.67 12.21 43.66
C TRP B 158 -11.44 12.68 44.88
N ASN B 159 -10.76 12.79 46.02
CA ASN B 159 -11.44 13.11 47.25
C ASN B 159 -12.60 12.12 47.41
N SER B 160 -12.30 10.84 47.24
CA SER B 160 -13.28 9.79 47.49
C SER B 160 -14.61 9.95 46.76
N GLY B 161 -14.63 10.65 45.64
CA GLY B 161 -15.88 10.83 44.96
C GLY B 161 -16.52 12.15 45.30
N SER B 162 -16.16 12.74 46.44
CA SER B 162 -16.61 14.07 46.81
C SER B 162 -16.44 15.03 45.62
N LEU B 163 -15.37 14.81 44.86
CA LEU B 163 -14.99 15.63 43.72
C LEU B 163 -15.23 14.85 42.42
N SER B 164 -16.47 14.87 41.94
CA SER B 164 -16.87 14.05 40.81
C SER B 164 -16.98 14.85 39.49
N SER B 165 -16.77 16.16 39.55
CA SER B 165 -16.96 17.05 38.38
C SER B 165 -15.66 17.51 37.75
N GLY B 166 -15.64 17.61 36.41
CA GLY B 166 -14.45 18.05 35.71
C GLY B 166 -13.30 17.06 35.85
N VAL B 167 -13.60 15.77 35.70
CA VAL B 167 -12.64 14.70 35.95
C VAL B 167 -12.53 13.79 34.73
N HIS B 168 -11.31 13.46 34.34
CA HIS B 168 -11.13 12.62 33.16
C HIS B 168 -10.15 11.50 33.39
N THR B 169 -10.65 10.26 33.38
CA THR B 169 -9.80 9.10 33.57
C THR B 169 -9.62 8.47 32.22
N PHE B 170 -8.37 8.30 31.79
CA PHE B 170 -8.09 7.93 30.41
C PHE B 170 -7.79 6.44 30.24
N PRO B 171 -8.14 5.86 29.08
CA PRO B 171 -7.90 4.45 28.89
C PRO B 171 -6.44 4.10 29.11
N ALA B 172 -6.18 2.98 29.79
CA ALA B 172 -4.80 2.52 30.11
C ALA B 172 -4.00 2.18 28.86
N VAL B 173 -2.68 2.25 28.98
CA VAL B 173 -1.82 1.80 27.88
C VAL B 173 -0.86 0.75 28.39
N LEU B 174 -0.17 0.11 27.47
CA LEU B 174 0.77 -0.95 27.82
C LEU B 174 2.26 -0.54 27.62
N GLN B 175 2.92 -0.13 28.72
CA GLN B 175 4.40 0.09 28.80
C GLN B 175 5.08 -1.07 29.55
N SER B 176 5.92 -1.83 28.82
CA SER B 176 6.75 -2.93 29.35
C SER B 176 5.90 -4.06 29.94
N ASP B 177 5.01 -4.64 29.13
CA ASP B 177 4.17 -5.74 29.59
C ASP B 177 3.31 -5.41 30.84
N LEU B 178 3.36 -4.13 31.27
CA LEU B 178 2.47 -3.59 32.33
C LEU B 178 1.62 -2.38 31.90
N TYR B 179 0.51 -2.16 32.61
CA TYR B 179 -0.41 -1.04 32.35
C TYR B 179 -0.05 0.28 33.02
N THR B 180 -0.35 1.37 32.32
CA THR B 180 -0.20 2.70 32.88
C THR B 180 -1.44 3.43 32.45
N LEU B 181 -1.85 4.38 33.29
CA LEU B 181 -3.07 5.14 33.12
C LEU B 181 -2.96 6.34 34.04
N SER B 182 -3.72 7.38 33.71
CA SER B 182 -3.71 8.66 34.39
C SER B 182 -5.11 9.28 34.41
N SER B 183 -5.37 10.16 35.36
CA SER B 183 -6.68 10.77 35.44
C SER B 183 -6.43 12.16 35.85
N SER B 184 -7.35 13.04 35.51
CA SER B 184 -7.27 14.44 36.00
C SER B 184 -8.60 14.98 36.49
N VAL B 185 -8.47 15.96 37.40
CA VAL B 185 -9.55 16.80 37.96
C VAL B 185 -9.13 18.26 37.77
N THR B 186 -10.12 19.11 37.54
CA THR B 186 -9.88 20.53 37.25
C THR B 186 -10.77 21.37 38.17
N VAL B 187 -10.12 22.12 39.07
CA VAL B 187 -10.80 22.89 40.12
C VAL B 187 -10.34 24.34 39.99
N PRO B 188 -11.09 25.30 40.59
CA PRO B 188 -10.67 26.71 40.46
C PRO B 188 -9.36 26.98 41.17
N SER B 189 -8.58 27.94 40.68
CA SER B 189 -7.34 28.40 41.36
C SER B 189 -7.63 28.85 42.78
N SER B 190 -8.87 29.25 43.03
CA SER B 190 -9.31 29.67 44.36
C SER B 190 -9.31 28.53 45.41
N THR B 191 -9.41 27.29 44.94
CA THR B 191 -9.54 26.12 45.82
C THR B 191 -8.28 25.27 45.93
N TRP B 192 -7.29 25.53 45.08
CA TRP B 192 -6.02 24.80 45.17
C TRP B 192 -4.80 25.73 44.99
N PRO B 193 -3.76 25.58 45.85
CA PRO B 193 -3.50 24.56 46.88
C PRO B 193 -4.31 24.69 48.18
N SER B 194 -4.98 25.83 48.35
CA SER B 194 -5.93 26.03 49.45
C SER B 194 -6.54 24.70 50.01
N GLU B 195 -7.37 24.01 49.22
CA GLU B 195 -8.02 22.77 49.66
C GLU B 195 -7.22 21.54 49.21
N THR B 196 -7.31 20.45 49.98
CA THR B 196 -6.61 19.21 49.68
C THR B 196 -7.32 18.41 48.58
N VAL B 197 -6.59 18.11 47.51
CA VAL B 197 -7.10 17.26 46.46
C VAL B 197 -6.28 15.99 46.39
N THR B 198 -6.95 14.90 46.75
CA THR B 198 -6.31 13.61 46.87
C THR B 198 -6.81 12.69 45.77
N CYS B 199 -5.89 11.85 45.32
CA CYS B 199 -6.16 10.95 44.27
C CYS B 199 -6.25 9.62 44.99
N ASN B 200 -7.26 8.83 44.65
CA ASN B 200 -7.52 7.54 45.32
C ASN B 200 -7.46 6.39 44.34
N VAL B 201 -6.50 5.49 44.49
CA VAL B 201 -6.37 4.34 43.57
C VAL B 201 -6.58 3.01 44.28
N ALA B 202 -7.56 2.25 43.77
CA ALA B 202 -7.88 0.90 44.24
C ALA B 202 -7.70 -0.16 43.12
N HIS B 203 -6.76 -1.07 43.34
CA HIS B 203 -6.52 -2.19 42.43
C HIS B 203 -7.08 -3.49 43.03
N PRO B 204 -8.32 -3.86 42.69
CA PRO B 204 -8.88 -5.01 43.42
C PRO B 204 -7.97 -6.25 43.43
N ALA B 205 -7.46 -6.63 42.26
CA ALA B 205 -6.60 -7.81 42.07
C ALA B 205 -5.40 -7.97 43.04
N SER B 206 -4.62 -6.90 43.27
CA SER B 206 -3.51 -6.94 44.26
C SER B 206 -4.03 -6.61 45.64
N SER B 207 -5.29 -6.19 45.69
CA SER B 207 -5.97 -5.88 46.93
C SER B 207 -5.30 -4.70 47.62
N THR B 208 -4.65 -3.87 46.82
CA THR B 208 -4.08 -2.66 47.35
C THR B 208 -5.05 -1.52 47.14
N LYS B 209 -4.73 -0.39 47.75
CA LYS B 209 -5.58 0.76 47.73
C LYS B 209 -4.75 1.88 48.33
N VAL B 210 -4.31 2.83 47.52
CA VAL B 210 -3.45 3.92 48.03
C VAL B 210 -4.09 5.26 47.71
N ASP B 211 -3.63 6.33 48.38
CA ASP B 211 -4.12 7.67 48.01
C ASP B 211 -3.18 8.84 48.13
N LYS B 212 -2.80 9.38 46.99
CA LYS B 212 -1.82 10.43 46.90
C LYS B 212 -2.45 11.80 47.07
N LYS B 213 -1.89 12.59 48.00
CA LYS B 213 -2.22 14.00 48.09
C LYS B 213 -1.44 14.70 46.98
N ILE B 214 -2.05 15.71 46.36
CA ILE B 214 -1.40 16.51 45.33
C ILE B 214 -0.88 17.83 45.92
N VAL B 215 0.43 18.00 45.83
CA VAL B 215 1.13 19.15 46.45
C VAL B 215 1.83 19.99 45.37
N PRO B 216 1.90 21.31 45.56
CA PRO B 216 2.65 22.22 44.72
C PRO B 216 4.03 21.70 44.38
N ARG B 217 4.46 21.85 43.12
CA ARG B 217 5.77 21.34 42.70
C ARG B 217 6.95 22.18 43.22
N MET C 1 33.51 25.48 -3.96
CA MET C 1 34.83 26.16 -3.86
C MET C 1 35.81 25.44 -2.92
N ASN C 2 37.00 25.10 -3.45
CA ASN C 2 38.08 24.37 -2.73
C ASN C 2 38.65 25.13 -1.48
N LYS C 3 38.22 24.69 -0.29
CA LYS C 3 38.33 25.50 0.96
C LYS C 3 39.13 24.79 2.09
N GLN C 4 39.63 25.51 3.09
CA GLN C 4 40.52 24.90 4.09
C GLN C 4 39.89 24.01 5.19
N LYS C 5 40.56 22.92 5.57
CA LYS C 5 40.14 22.10 6.72
C LYS C 5 40.02 22.94 8.00
N ILE C 6 39.02 22.65 8.82
CA ILE C 6 38.84 23.33 10.08
C ILE C 6 38.93 22.30 11.20
N SER C 7 39.61 22.61 12.30
CA SER C 7 39.74 21.61 13.36
C SER C 7 38.53 21.56 14.31
N PRO C 8 38.30 20.39 14.98
CA PRO C 8 37.23 20.21 16.00
C PRO C 8 37.40 21.11 17.20
N ALA C 9 38.64 21.33 17.55
CA ALA C 9 39.00 22.27 18.59
C ALA C 9 38.33 23.63 18.34
N GLU C 10 38.49 24.15 17.13
CA GLU C 10 37.95 25.48 16.85
C GLU C 10 36.41 25.47 16.80
N VAL C 11 35.82 24.36 16.35
CA VAL C 11 34.36 24.30 16.15
C VAL C 11 33.69 24.37 17.49
N ALA C 12 34.19 23.57 18.43
CA ALA C 12 33.56 23.30 19.74
C ALA C 12 33.40 24.60 20.48
N LYS C 13 34.31 25.51 20.15
CA LYS C 13 34.37 26.84 20.70
C LYS C 13 33.16 27.70 20.30
N HIS C 14 32.46 27.34 19.21
CA HIS C 14 31.40 28.22 18.67
C HIS C 14 29.98 27.73 18.99
N ASN C 15 29.53 28.04 20.20
CA ASN C 15 28.42 27.33 20.81
C ASN C 15 27.55 28.15 21.77
N LYS C 16 27.05 29.26 21.28
CA LYS C 16 26.22 30.11 22.09
C LYS C 16 25.19 30.74 21.18
N PRO C 17 24.11 31.29 21.73
CA PRO C 17 23.11 31.97 20.90
C PRO C 17 23.63 32.90 19.81
N ASP C 18 24.69 33.67 20.07
CA ASP C 18 25.17 34.62 19.05
C ASP C 18 26.55 34.27 18.42
N ASP C 19 26.97 33.02 18.56
CA ASP C 19 28.16 32.50 17.92
C ASP C 19 27.98 30.99 17.84
N CYS C 20 27.20 30.58 16.84
CA CYS C 20 26.77 29.21 16.68
C CYS C 20 27.29 28.52 15.41
N TRP C 21 28.03 27.43 15.57
CA TRP C 21 28.54 26.62 14.46
C TRP C 21 28.05 25.21 14.61
N VAL C 22 27.87 24.53 13.50
CA VAL C 22 27.45 23.14 13.58
C VAL C 22 28.22 22.28 12.58
N VAL C 23 28.32 20.97 12.84
CA VAL C 23 28.93 20.01 11.87
C VAL C 23 27.88 19.04 11.31
N ILE C 24 27.48 19.23 10.06
CA ILE C 24 26.58 18.32 9.34
C ILE C 24 27.31 17.56 8.21
N ASN C 25 27.26 16.24 8.31
CA ASN C 25 28.15 15.34 7.58
C ASN C 25 29.51 15.57 8.19
N GLY C 26 30.51 15.92 7.38
CA GLY C 26 31.79 16.30 7.96
C GLY C 26 32.15 17.72 7.60
N TYR C 27 31.16 18.62 7.60
CA TYR C 27 31.34 20.00 7.16
C TYR C 27 30.92 21.04 8.22
N VAL C 28 31.50 22.25 8.18
CA VAL C 28 31.20 23.28 9.21
C VAL C 28 30.31 24.44 8.75
N TYR C 29 29.36 24.79 9.60
CA TYR C 29 28.37 25.83 9.29
C TYR C 29 28.24 26.87 10.38
N ASP C 30 28.33 28.14 10.00
CA ASP C 30 28.02 29.24 10.89
C ASP C 30 26.54 29.53 10.66
N LEU C 31 25.73 29.16 11.66
CA LEU C 31 24.27 29.24 11.62
C LEU C 31 23.76 30.45 12.40
N THR C 32 24.70 31.30 12.80
CA THR C 32 24.47 32.47 13.67
C THR C 32 23.40 33.46 13.15
N ARG C 33 23.63 34.04 11.97
CA ARG C 33 22.65 34.96 11.38
C ARG C 33 21.47 34.23 10.72
N PHE C 34 21.57 32.91 10.59
CA PHE C 34 20.47 32.08 10.15
C PHE C 34 19.45 31.82 11.29
N LEU C 35 19.94 31.62 12.53
CA LEU C 35 19.06 31.41 13.69
C LEU C 35 17.64 32.05 13.59
N PRO C 36 17.56 33.40 13.49
CA PRO C 36 16.25 34.07 13.49
C PRO C 36 15.28 33.53 12.45
N ASN C 37 15.78 32.76 11.48
CA ASN C 37 15.02 32.42 10.27
C ASN C 37 14.85 30.90 10.04
N HIS C 38 15.30 30.10 11.01
CA HIS C 38 15.16 28.63 11.00
C HIS C 38 13.73 28.16 11.16
N PRO C 39 13.13 27.67 10.07
CA PRO C 39 11.75 27.24 10.24
C PRO C 39 11.55 26.24 11.38
N GLY C 40 12.64 25.66 11.92
CA GLY C 40 12.54 24.68 12.99
C GLY C 40 12.72 25.30 14.36
N GLY C 41 12.81 26.64 14.39
CA GLY C 41 12.91 27.41 15.60
C GLY C 41 14.36 27.57 16.04
N GLN C 42 14.65 28.59 16.84
CA GLN C 42 16.03 28.87 17.23
C GLN C 42 16.57 27.82 18.16
N ASP C 43 15.75 27.45 19.16
CA ASP C 43 16.20 26.61 20.30
C ASP C 43 17.02 25.37 19.84
N VAL C 44 16.47 24.59 18.92
CA VAL C 44 17.11 23.37 18.45
C VAL C 44 18.55 23.55 18.01
N ILE C 45 18.83 24.72 17.44
CA ILE C 45 20.14 25.02 16.96
C ILE C 45 20.98 25.43 18.16
N LYS C 46 20.49 26.41 18.93
CA LYS C 46 21.13 26.80 20.19
C LYS C 46 21.50 25.57 21.03
N PHE C 47 20.51 24.74 21.32
CA PHE C 47 20.70 23.60 22.21
C PHE C 47 21.86 22.75 21.71
N ASN C 48 22.06 22.72 20.40
CA ASN C 48 23.10 21.90 19.78
C ASN C 48 24.26 22.67 19.20
N ALA C 49 24.35 23.97 19.45
CA ALA C 49 25.45 24.77 18.91
C ALA C 49 26.82 24.19 19.31
N GLY C 50 27.80 24.27 18.40
CA GLY C 50 29.11 23.69 18.60
C GLY C 50 29.20 22.18 18.59
N LYS C 51 28.23 21.48 17.98
CA LYS C 51 28.16 20.00 17.97
C LYS C 51 28.03 19.41 16.56
N ASP C 52 28.18 18.11 16.47
CA ASP C 52 27.92 17.41 15.22
C ASP C 52 26.46 16.96 15.22
N VAL C 53 25.66 17.58 14.34
CA VAL C 53 24.20 17.34 14.35
C VAL C 53 23.72 16.42 13.22
N THR C 54 24.67 15.79 12.53
CA THR C 54 24.39 14.87 11.43
C THR C 54 23.19 13.93 11.65
N ALA C 55 23.18 13.24 12.79
CA ALA C 55 22.16 12.24 13.06
C ALA C 55 20.80 12.87 13.28
N ILE C 56 20.73 14.07 13.84
CA ILE C 56 19.44 14.79 13.89
C ILE C 56 19.10 15.52 12.60
N PHE C 57 20.03 16.30 12.07
CA PHE C 57 19.76 17.08 10.85
C PHE C 57 19.29 16.23 9.64
N GLU C 58 20.11 15.25 9.25
CA GLU C 58 19.92 14.52 8.04
C GLU C 58 18.54 13.84 7.91
N PRO C 59 17.95 13.30 9.01
CA PRO C 59 16.65 12.68 8.69
C PRO C 59 15.50 13.68 8.60
N LEU C 60 15.72 14.91 9.06
CA LEU C 60 14.68 15.92 9.02
C LEU C 60 14.79 16.89 7.84
N HIS C 61 15.91 16.87 7.12
CA HIS C 61 16.08 17.79 5.95
C HIS C 61 16.50 17.00 4.72
N ALA C 62 15.88 17.31 3.59
CA ALA C 62 16.35 16.82 2.29
C ALA C 62 17.74 17.43 1.95
N PRO C 63 18.54 16.76 1.11
CA PRO C 63 19.87 17.34 0.89
C PRO C 63 19.96 18.71 0.18
N ASN C 64 18.83 19.27 -0.25
CA ASN C 64 18.89 20.52 -0.98
C ASN C 64 18.29 21.74 -0.27
N VAL C 65 18.22 21.70 1.05
CA VAL C 65 17.68 22.86 1.79
C VAL C 65 18.82 23.79 2.21
N ILE C 66 19.99 23.20 2.47
CA ILE C 66 21.13 23.98 2.93
C ILE C 66 21.44 25.15 1.97
N ASP C 67 21.55 24.81 0.69
CA ASP C 67 21.80 25.79 -0.38
C ASP C 67 20.62 26.71 -0.73
N LYS C 68 19.44 26.42 -0.24
CA LYS C 68 18.37 27.35 -0.48
C LYS C 68 18.44 28.47 0.56
N TYR C 69 18.72 28.13 1.82
CA TYR C 69 18.69 29.12 2.92
C TYR C 69 20.06 29.74 3.25
N ILE C 70 21.12 28.94 3.16
CA ILE C 70 22.39 29.35 3.73
C ILE C 70 23.35 29.91 2.70
N ALA C 71 23.88 31.09 3.00
CA ALA C 71 24.84 31.73 2.12
C ALA C 71 26.07 30.83 2.09
N PRO C 72 26.72 30.73 0.94
CA PRO C 72 27.86 29.83 0.86
C PRO C 72 29.05 30.31 1.69
N GLU C 73 29.14 31.61 1.93
CA GLU C 73 30.18 32.19 2.76
C GLU C 73 30.15 31.54 4.19
N LYS C 74 28.95 31.11 4.60
CA LYS C 74 28.71 30.51 5.92
C LYS C 74 28.99 29.01 5.93
N LYS C 75 29.09 28.41 4.75
CA LYS C 75 29.58 27.05 4.65
C LYS C 75 31.04 27.25 4.91
N LEU C 76 31.45 26.98 6.14
CA LEU C 76 32.77 27.33 6.61
C LEU C 76 33.94 26.50 6.04
N GLY C 77 33.74 25.22 5.77
CA GLY C 77 34.82 24.36 5.27
C GLY C 77 34.68 22.98 5.86
N PRO C 78 35.57 22.06 5.50
CA PRO C 78 35.40 20.70 5.96
C PRO C 78 36.05 20.42 7.34
N LEU C 79 35.41 19.57 8.13
CA LEU C 79 35.93 19.24 9.45
C LEU C 79 37.23 18.45 9.31
N GLN C 80 38.18 18.74 10.21
CA GLN C 80 39.43 17.95 10.28
C GLN C 80 39.26 16.70 11.17
N GLY C 81 39.08 15.57 10.51
CA GLY C 81 38.76 14.36 11.24
C GLY C 81 37.35 14.48 11.74
N SER C 82 37.18 14.39 13.05
CA SER C 82 35.86 14.19 13.59
C SER C 82 35.73 14.78 14.98
N MET C 83 34.50 15.17 15.29
CA MET C 83 34.09 15.73 16.59
C MET C 83 34.19 14.69 17.71
N PRO C 84 34.60 15.12 18.91
CA PRO C 84 34.79 14.13 19.98
C PRO C 84 33.44 13.49 20.33
N PRO C 85 33.43 12.20 20.74
CA PRO C 85 32.16 11.53 21.06
C PRO C 85 31.14 12.40 21.82
N GLU C 86 31.56 13.03 22.91
CA GLU C 86 30.70 13.89 23.74
C GLU C 86 29.99 14.96 22.91
N LEU C 87 30.63 15.40 21.84
CA LEU C 87 30.09 16.45 20.99
C LEU C 87 29.56 15.96 19.64
N VAL C 88 29.19 14.68 19.54
CA VAL C 88 28.37 14.20 18.42
C VAL C 88 26.95 13.81 18.86
N CYS C 89 25.94 14.51 18.33
CA CYS C 89 24.52 14.18 18.56
C CYS C 89 24.09 12.84 17.93
N PRO C 90 23.44 11.99 18.73
CA PRO C 90 22.93 10.67 18.31
C PRO C 90 21.41 10.72 18.08
N PRO C 91 20.84 9.74 17.36
CA PRO C 91 19.38 9.80 17.30
C PRO C 91 18.73 9.56 18.70
N TYR C 92 17.62 10.25 18.94
CA TYR C 92 16.95 10.20 20.22
C TYR C 92 16.09 8.92 20.28
N GLN D 1 24.02 19.89 -15.35
CA GLN D 1 23.22 18.86 -14.60
C GLN D 1 23.87 17.47 -14.76
N ALA D 2 24.48 16.96 -13.68
CA ALA D 2 25.17 15.66 -13.71
C ALA D 2 24.30 14.53 -14.21
N VAL D 3 24.95 13.60 -14.90
CA VAL D 3 24.33 12.42 -15.47
C VAL D 3 24.80 11.19 -14.70
N VAL D 4 23.86 10.41 -14.17
CA VAL D 4 24.24 9.30 -13.29
C VAL D 4 24.16 8.01 -14.08
N THR D 5 25.30 7.32 -14.17
CA THR D 5 25.55 6.16 -15.03
C THR D 5 25.81 4.86 -14.26
N GLN D 6 25.16 3.78 -14.69
CA GLN D 6 25.26 2.47 -14.03
C GLN D 6 25.11 1.32 -15.01
N GLU D 7 25.67 0.18 -14.64
CA GLU D 7 25.77 -0.99 -15.49
C GLU D 7 24.47 -1.29 -16.24
N SER D 8 24.65 -1.54 -17.52
CA SER D 8 23.62 -2.02 -18.39
C SER D 8 22.86 -3.13 -17.65
N ALA D 9 23.56 -4.24 -17.40
CA ALA D 9 23.01 -5.48 -16.92
C ALA D 9 24.12 -6.28 -16.22
N LEU D 10 23.73 -7.18 -15.32
CA LEU D 10 24.69 -8.03 -14.61
C LEU D 10 24.05 -9.36 -14.34
N THR D 11 24.78 -10.42 -14.62
CA THR D 11 24.32 -11.76 -14.33
C THR D 11 25.10 -12.34 -13.17
N THR D 12 24.39 -13.07 -12.32
CA THR D 12 24.98 -13.80 -11.21
C THR D 12 24.07 -14.95 -10.74
N SER D 13 24.60 -15.81 -9.88
CA SER D 13 23.92 -17.06 -9.48
C SER D 13 23.72 -17.07 -7.94
N PRO D 14 22.76 -17.86 -7.42
CA PRO D 14 22.48 -17.83 -5.97
C PRO D 14 23.69 -18.09 -5.08
N GLY D 15 23.78 -17.38 -3.96
CA GLY D 15 24.92 -17.53 -3.06
C GLY D 15 26.04 -16.54 -3.32
N GLU D 16 26.31 -16.22 -4.58
CA GLU D 16 27.42 -15.33 -4.87
C GLU D 16 27.20 -13.91 -4.33
N THR D 17 28.28 -13.16 -4.18
CA THR D 17 28.20 -11.76 -3.86
C THR D 17 28.25 -10.97 -5.17
N VAL D 18 27.37 -9.98 -5.33
CA VAL D 18 27.39 -9.11 -6.50
C VAL D 18 27.41 -7.67 -6.07
N THR D 19 28.15 -6.85 -6.80
CA THR D 19 28.29 -5.45 -6.54
C THR D 19 27.78 -4.74 -7.78
N LEU D 20 26.93 -3.73 -7.57
CA LEU D 20 26.46 -2.85 -8.61
C LEU D 20 26.98 -1.47 -8.27
N THR D 21 27.46 -0.70 -9.25
CA THR D 21 28.10 0.61 -8.93
C THR D 21 27.37 1.80 -9.58
N CYS D 22 27.66 3.01 -9.14
CA CYS D 22 26.92 4.19 -9.61
C CYS D 22 27.73 5.49 -9.75
N ARG D 23 27.96 5.88 -11.00
CA ARG D 23 28.88 6.96 -11.37
C ARG D 23 28.16 8.25 -11.75
N SER D 24 28.63 9.39 -11.22
CA SER D 24 28.14 10.69 -11.66
C SER D 24 29.10 11.24 -12.70
N SER D 25 28.58 12.00 -13.66
CA SER D 25 29.38 12.43 -14.81
C SER D 25 30.42 13.49 -14.46
N THR D 26 30.10 14.37 -13.48
CA THR D 26 30.95 15.55 -13.11
C THR D 26 32.14 15.31 -12.17
N GLY D 27 32.08 14.26 -11.36
CA GLY D 27 33.17 13.99 -10.44
C GLY D 27 32.93 12.72 -9.65
N ALA D 28 33.66 12.59 -8.54
CA ALA D 28 33.62 11.40 -7.71
C ALA D 28 32.54 11.54 -6.68
N VAL D 29 31.86 10.44 -6.41
CA VAL D 29 30.73 10.41 -5.50
C VAL D 29 31.24 10.33 -4.09
N THR D 30 30.88 11.32 -3.27
CA THR D 30 31.16 11.23 -1.82
C THR D 30 29.85 11.13 -1.04
N THR D 31 29.94 11.10 0.30
CA THR D 31 28.73 10.88 1.08
C THR D 31 27.77 12.06 1.02
N SER D 32 28.27 13.22 0.58
CA SER D 32 27.41 14.38 0.34
C SER D 32 26.44 14.23 -0.86
N ASN D 33 26.57 13.13 -1.59
CA ASN D 33 25.69 12.86 -2.74
C ASN D 33 24.51 12.08 -2.29
N TYR D 34 24.57 11.69 -1.02
CA TYR D 34 23.57 10.84 -0.39
C TYR D 34 23.00 9.79 -1.33
N ALA D 35 23.89 8.98 -1.90
CA ALA D 35 23.50 7.96 -2.84
C ALA D 35 22.28 7.20 -2.27
N ASN D 36 21.39 6.78 -3.18
CA ASN D 36 20.12 6.15 -2.88
C ASN D 36 19.90 5.02 -3.87
N TRP D 37 19.32 3.91 -3.43
CA TRP D 37 19.10 2.74 -4.24
C TRP D 37 17.67 2.21 -4.08
N VAL D 38 16.95 2.03 -5.19
CA VAL D 38 15.65 1.37 -5.14
C VAL D 38 15.53 0.21 -6.16
N GLN D 39 14.75 -0.78 -5.80
CA GLN D 39 14.53 -1.95 -6.62
C GLN D 39 13.16 -1.96 -7.27
N GLU D 40 13.13 -2.34 -8.55
CA GLU D 40 11.87 -2.50 -9.28
C GLU D 40 11.65 -3.94 -9.74
N LYS D 41 10.59 -4.59 -9.27
CA LYS D 41 10.27 -5.93 -9.71
C LYS D 41 9.12 -5.78 -10.68
N PRO D 42 8.81 -6.83 -11.48
CA PRO D 42 7.65 -6.74 -12.41
C PRO D 42 6.35 -6.44 -11.67
N ASP D 43 5.42 -5.82 -12.38
CA ASP D 43 4.16 -5.29 -11.81
C ASP D 43 4.32 -3.98 -10.99
N HIS D 44 5.12 -3.07 -11.54
CA HIS D 44 5.27 -1.74 -10.98
C HIS D 44 5.63 -1.70 -9.50
N LEU D 45 6.44 -2.67 -9.11
CA LEU D 45 6.79 -2.86 -7.74
C LEU D 45 8.13 -2.18 -7.39
N PHE D 46 8.11 -1.19 -6.50
CA PHE D 46 9.33 -0.44 -6.15
C PHE D 46 9.54 -0.55 -4.67
N THR D 47 10.79 -0.74 -4.29
CA THR D 47 11.16 -0.89 -2.89
C THR D 47 12.40 -0.06 -2.67
N GLY D 48 12.34 0.79 -1.64
CA GLY D 48 13.51 1.54 -1.24
C GLY D 48 14.46 0.67 -0.47
N LEU D 49 15.74 0.72 -0.80
CA LEU D 49 16.74 -0.13 -0.19
C LEU D 49 17.78 0.67 0.63
N ILE D 50 18.47 1.58 -0.03
CA ILE D 50 19.55 2.26 0.62
C ILE D 50 19.37 3.77 0.48
N GLY D 51 19.81 4.50 1.51
CA GLY D 51 19.76 5.92 1.51
C GLY D 51 20.96 6.41 2.28
N GLY D 52 21.29 7.68 2.11
CA GLY D 52 22.42 8.30 2.75
C GLY D 52 23.63 7.42 2.55
N THR D 53 23.82 7.00 1.30
CA THR D 53 24.95 6.14 0.92
C THR D 53 24.81 4.72 1.48
N ASN D 54 24.86 4.54 2.79
CA ASN D 54 24.92 3.17 3.35
C ASN D 54 23.90 2.86 4.45
N LYS D 55 22.68 3.37 4.32
CA LYS D 55 21.68 3.19 5.36
C LYS D 55 20.59 2.27 4.83
N ARG D 56 20.42 1.11 5.43
CA ARG D 56 19.38 0.17 5.03
C ARG D 56 18.00 0.67 5.47
N ALA D 57 17.07 0.67 4.54
CA ALA D 57 15.69 1.03 4.81
C ALA D 57 15.12 -0.02 5.74
N PRO D 58 14.08 0.33 6.52
CA PRO D 58 13.51 -0.77 7.35
C PRO D 58 12.90 -1.86 6.48
N GLY D 59 12.99 -3.09 6.98
CA GLY D 59 12.38 -4.24 6.37
C GLY D 59 13.24 -4.83 5.27
N VAL D 60 14.46 -4.34 5.17
CA VAL D 60 15.32 -4.74 4.05
C VAL D 60 16.30 -5.77 4.57
N PRO D 61 16.35 -6.95 3.91
CA PRO D 61 17.30 -8.04 4.17
C PRO D 61 18.72 -7.54 4.32
N ALA D 62 19.41 -7.99 5.37
CA ALA D 62 20.79 -7.56 5.66
C ALA D 62 21.77 -7.86 4.52
N ARG D 63 21.41 -8.77 3.61
CA ARG D 63 22.28 -9.04 2.48
C ARG D 63 22.55 -7.83 1.59
N PHE D 64 21.79 -6.74 1.81
CA PHE D 64 21.91 -5.48 1.05
C PHE D 64 22.76 -4.50 1.80
N SER D 65 23.85 -4.06 1.17
CA SER D 65 24.70 -3.04 1.77
C SER D 65 25.12 -2.02 0.73
N GLY D 66 25.35 -0.79 1.18
CA GLY D 66 25.86 0.25 0.30
C GLY D 66 27.17 0.80 0.83
N SER D 67 28.03 1.26 -0.05
CA SER D 67 29.32 1.75 0.40
C SER D 67 29.85 2.71 -0.64
N LEU D 68 31.04 3.28 -0.40
CA LEU D 68 31.70 4.17 -1.37
C LEU D 68 32.89 3.46 -2.00
N ILE D 69 32.72 2.91 -3.18
CA ILE D 69 33.80 2.16 -3.83
C ILE D 69 34.45 3.03 -4.91
N GLY D 70 35.77 3.20 -4.82
CA GLY D 70 36.44 4.23 -5.64
C GLY D 70 35.70 5.57 -5.68
N ASP D 71 35.39 6.00 -6.91
CA ASP D 71 34.69 7.23 -7.18
C ASP D 71 33.20 6.99 -7.44
N LYS D 72 32.63 5.92 -6.95
CA LYS D 72 31.19 5.80 -7.09
C LYS D 72 30.53 5.13 -5.93
N ALA D 73 29.24 5.33 -5.83
CA ALA D 73 28.48 4.67 -4.81
C ALA D 73 28.38 3.22 -5.28
N ALA D 74 28.22 2.30 -4.33
CA ALA D 74 28.09 0.89 -4.64
C ALA D 74 26.97 0.22 -3.85
N LEU D 75 26.16 -0.60 -4.55
CA LEU D 75 25.22 -1.54 -3.90
C LEU D 75 25.76 -2.97 -3.90
N THR D 76 26.00 -3.51 -2.70
CA THR D 76 26.55 -4.86 -2.56
C THR D 76 25.44 -5.81 -2.12
N ILE D 77 25.25 -6.90 -2.86
CA ILE D 77 24.36 -7.97 -2.47
C ILE D 77 25.26 -9.16 -2.14
N THR D 78 25.30 -9.51 -0.86
CA THR D 78 26.15 -10.58 -0.35
C THR D 78 25.34 -11.83 -0.15
N GLY D 79 25.48 -12.77 -1.07
CA GLY D 79 24.68 -13.98 -1.03
C GLY D 79 23.35 -13.76 -1.69
N ALA D 80 23.39 -13.60 -3.01
CA ALA D 80 22.22 -13.20 -3.78
C ALA D 80 21.26 -14.35 -3.88
N GLN D 81 19.98 -14.02 -3.87
CA GLN D 81 18.91 -15.00 -3.98
C GLN D 81 18.18 -14.84 -5.32
N THR D 82 17.53 -15.91 -5.77
CA THR D 82 16.80 -15.87 -7.03
C THR D 82 15.79 -14.72 -7.04
N GLU D 83 15.26 -14.36 -5.87
CA GLU D 83 14.21 -13.33 -5.85
C GLU D 83 14.84 -11.94 -5.99
N ASP D 84 16.17 -11.89 -5.91
CA ASP D 84 16.86 -10.63 -6.09
C ASP D 84 16.93 -10.23 -7.56
N GLU D 85 16.40 -11.07 -8.44
CA GLU D 85 16.27 -10.79 -9.90
C GLU D 85 15.27 -9.66 -10.25
N ALA D 86 15.82 -8.50 -10.57
CA ALA D 86 15.04 -7.30 -10.81
C ALA D 86 15.95 -6.12 -11.18
N ILE D 87 15.32 -4.98 -11.47
CA ILE D 87 16.04 -3.78 -11.93
C ILE D 87 16.45 -2.84 -10.78
N TYR D 88 17.72 -2.49 -10.72
CA TYR D 88 18.17 -1.61 -9.65
C TYR D 88 18.48 -0.20 -10.10
N PHE D 89 17.84 0.75 -9.42
CA PHE D 89 18.03 2.16 -9.70
C PHE D 89 18.86 2.81 -8.65
N CYS D 90 19.82 3.56 -9.17
CA CYS D 90 20.67 4.42 -8.40
C CYS D 90 20.13 5.82 -8.50
N ALA D 91 20.32 6.62 -7.45
CA ALA D 91 19.97 8.02 -7.46
C ALA D 91 21.02 8.80 -6.70
N LEU D 92 21.44 9.93 -7.25
CA LEU D 92 22.38 10.82 -6.57
C LEU D 92 21.78 12.19 -6.49
N TRP D 93 21.99 12.82 -5.32
CA TRP D 93 21.82 14.25 -5.12
C TRP D 93 23.03 15.01 -5.73
N ASP D 94 22.82 15.57 -6.92
CA ASP D 94 23.81 16.42 -7.53
C ASP D 94 23.24 17.82 -7.81
N SER D 95 24.00 18.84 -7.41
CA SER D 95 23.61 20.23 -7.62
C SER D 95 22.14 20.42 -7.16
N ASN D 96 21.87 20.07 -5.90
CA ASN D 96 20.53 20.23 -5.30
C ASN D 96 19.38 19.66 -6.10
N HIS D 97 19.71 18.76 -7.00
CA HIS D 97 18.73 18.03 -7.80
C HIS D 97 18.98 16.54 -7.59
N LEU D 98 17.93 15.75 -7.34
CA LEU D 98 18.07 14.27 -7.22
C LEU D 98 17.96 13.57 -8.57
N VAL D 99 18.99 12.81 -8.94
CA VAL D 99 19.04 12.21 -10.27
C VAL D 99 19.22 10.69 -10.32
N PHE D 100 18.25 10.03 -10.95
CA PHE D 100 18.28 8.63 -11.25
C PHE D 100 19.19 8.35 -12.45
N GLY D 101 19.84 7.19 -12.43
CA GLY D 101 20.48 6.67 -13.62
C GLY D 101 19.50 5.79 -14.40
N GLY D 102 20.00 5.15 -15.45
CA GLY D 102 19.17 4.31 -16.25
C GLY D 102 18.98 2.91 -15.66
N GLY D 103 19.36 2.71 -14.41
CA GLY D 103 19.18 1.39 -13.78
C GLY D 103 19.95 0.17 -14.30
N THR D 104 20.10 -0.84 -13.44
CA THR D 104 20.75 -2.10 -13.81
C THR D 104 19.77 -3.26 -13.79
N LYS D 105 19.87 -4.12 -14.79
CA LYS D 105 19.07 -5.32 -14.78
C LYS D 105 19.93 -6.45 -14.20
N LEU D 106 19.59 -6.93 -13.01
CA LEU D 106 20.40 -7.95 -12.35
C LEU D 106 19.72 -9.27 -12.51
N THR D 107 20.37 -10.23 -13.19
CA THR D 107 19.82 -11.58 -13.39
C THR D 107 20.44 -12.46 -12.34
N VAL D 108 19.63 -13.23 -11.60
CA VAL D 108 20.17 -14.11 -10.54
C VAL D 108 19.76 -15.51 -10.88
N LEU D 109 20.69 -16.25 -11.49
CA LEU D 109 20.34 -17.44 -12.28
C LEU D 109 19.46 -18.44 -11.52
N GLY D 110 18.18 -18.51 -11.89
CA GLY D 110 17.22 -19.43 -11.27
C GLY D 110 16.96 -20.74 -12.00
N GLN D 111 17.75 -21.00 -13.03
CA GLN D 111 17.55 -22.09 -14.00
C GLN D 111 18.64 -21.86 -15.02
N PRO D 112 18.98 -22.89 -15.83
CA PRO D 112 20.07 -22.77 -16.80
C PRO D 112 19.78 -21.68 -17.84
N LYS D 113 20.83 -21.07 -18.37
CA LYS D 113 20.69 -20.10 -19.43
C LYS D 113 20.00 -20.83 -20.55
N SER D 114 19.19 -20.14 -21.35
CA SER D 114 18.72 -20.71 -22.62
C SER D 114 18.77 -19.69 -23.74
N SER D 115 19.02 -20.17 -24.95
CA SER D 115 19.12 -19.26 -26.10
C SER D 115 17.72 -18.98 -26.66
N PRO D 116 17.56 -17.84 -27.37
CA PRO D 116 16.27 -17.41 -27.90
C PRO D 116 15.77 -18.30 -29.01
N SER D 117 14.46 -18.24 -29.22
CA SER D 117 13.74 -19.03 -30.21
C SER D 117 13.00 -18.04 -31.14
N VAL D 118 13.66 -17.70 -32.24
CA VAL D 118 13.35 -16.56 -33.11
C VAL D 118 12.44 -17.02 -34.28
N THR D 119 11.49 -16.18 -34.67
CA THR D 119 10.58 -16.60 -35.74
C THR D 119 10.23 -15.39 -36.56
N LEU D 120 10.49 -15.45 -37.87
CA LEU D 120 10.13 -14.33 -38.74
C LEU D 120 8.86 -14.57 -39.58
N PHE D 121 7.83 -13.74 -39.38
CA PHE D 121 6.64 -13.75 -40.22
C PHE D 121 6.67 -12.63 -41.26
N PRO D 122 6.40 -12.98 -42.52
CA PRO D 122 6.34 -11.94 -43.55
C PRO D 122 5.13 -11.04 -43.35
N PRO D 123 4.98 -9.96 -44.15
CA PRO D 123 3.75 -9.20 -44.09
C PRO D 123 2.68 -10.03 -44.69
N SER D 124 1.49 -10.04 -44.12
CA SER D 124 0.41 -10.82 -44.73
C SER D 124 -0.06 -10.15 -46.01
N SER D 125 -0.59 -10.98 -46.91
CA SER D 125 -1.03 -10.47 -48.19
C SER D 125 -2.22 -9.51 -48.05
N GLU D 126 -3.04 -9.73 -47.01
CA GLU D 126 -4.11 -8.78 -46.63
C GLU D 126 -3.60 -7.43 -46.14
N GLU D 127 -2.56 -7.41 -45.31
CA GLU D 127 -1.97 -6.14 -44.86
C GLU D 127 -1.39 -5.32 -46.05
N LEU D 128 -0.88 -6.01 -47.08
CA LEU D 128 -0.30 -5.36 -48.28
C LEU D 128 -1.37 -4.60 -49.04
N GLU D 129 -2.60 -5.07 -49.01
CA GLU D 129 -3.72 -4.33 -49.61
C GLU D 129 -4.03 -2.99 -48.93
N THR D 130 -3.15 -2.51 -48.08
CA THR D 130 -3.33 -1.21 -47.44
C THR D 130 -2.11 -0.37 -47.81
N ASN D 131 -1.26 -0.94 -48.65
CA ASN D 131 0.02 -0.34 -49.04
C ASN D 131 0.99 -0.22 -47.87
N LYS D 132 0.80 -1.09 -46.88
CA LYS D 132 1.61 -1.18 -45.67
C LYS D 132 2.12 -2.60 -45.53
N ALA D 133 3.22 -2.74 -44.81
CA ALA D 133 3.85 -4.04 -44.60
C ALA D 133 4.54 -4.05 -43.25
N THR D 134 4.41 -5.18 -42.57
CA THR D 134 4.96 -5.32 -41.23
C THR D 134 5.46 -6.74 -41.06
N LEU D 135 6.79 -6.90 -41.04
CA LEU D 135 7.41 -8.16 -40.65
C LEU D 135 7.42 -8.25 -39.15
N VAL D 136 7.25 -9.45 -38.62
CA VAL D 136 7.13 -9.61 -37.18
C VAL D 136 8.13 -10.65 -36.75
N CYS D 137 8.98 -10.25 -35.82
CA CYS D 137 10.01 -11.14 -35.32
C CYS D 137 9.75 -11.47 -33.86
N THR D 138 9.24 -12.68 -33.62
CA THR D 138 8.96 -13.11 -32.25
C THR D 138 10.15 -13.84 -31.63
N ILE D 139 10.54 -13.35 -30.43
CA ILE D 139 11.66 -13.88 -29.66
C ILE D 139 11.18 -14.47 -28.31
N THR D 140 11.25 -15.80 -28.19
CA THR D 140 10.77 -16.52 -26.99
C THR D 140 11.87 -17.25 -26.18
N ASP D 141 11.60 -17.51 -24.91
CA ASP D 141 12.35 -18.49 -24.08
C ASP D 141 13.82 -18.15 -23.80
N PHE D 142 14.18 -16.87 -23.86
CA PHE D 142 15.56 -16.53 -23.64
C PHE D 142 15.86 -16.20 -22.17
N TYR D 143 17.06 -16.56 -21.73
CA TYR D 143 17.45 -16.30 -20.37
C TYR D 143 18.95 -16.29 -20.26
N PRO D 144 19.51 -15.16 -19.80
CA PRO D 144 18.83 -14.04 -19.14
C PRO D 144 18.07 -13.12 -20.10
N GLY D 145 17.09 -12.37 -19.56
CA GLY D 145 16.23 -11.46 -20.34
C GLY D 145 16.80 -10.19 -20.99
N VAL D 146 18.07 -10.21 -21.39
CA VAL D 146 18.66 -9.11 -22.14
C VAL D 146 18.85 -9.47 -23.63
N VAL D 147 18.40 -8.61 -24.53
CA VAL D 147 18.45 -8.96 -25.95
C VAL D 147 18.52 -7.72 -26.86
N THR D 148 19.52 -7.63 -27.73
CA THR D 148 19.50 -6.60 -28.78
C THR D 148 19.08 -7.28 -30.06
N VAL D 149 18.19 -6.61 -30.80
CA VAL D 149 17.55 -7.10 -32.03
C VAL D 149 17.93 -6.16 -33.16
N ASP D 150 18.28 -6.70 -34.32
CA ASP D 150 18.59 -5.88 -35.49
C ASP D 150 17.88 -6.41 -36.74
N TRP D 151 17.68 -5.52 -37.72
CA TRP D 151 17.12 -5.90 -39.01
C TRP D 151 18.02 -5.50 -40.19
N LYS D 152 18.01 -6.37 -41.22
CA LYS D 152 18.66 -6.10 -42.50
C LYS D 152 17.75 -6.33 -43.71
N VAL D 153 17.61 -5.27 -44.49
CA VAL D 153 16.98 -5.34 -45.79
C VAL D 153 18.07 -5.32 -46.86
N ASP D 154 18.07 -6.37 -47.66
CA ASP D 154 19.02 -6.54 -48.75
C ASP D 154 20.47 -6.47 -48.28
N GLY D 155 20.67 -6.85 -47.02
CA GLY D 155 22.00 -7.04 -46.49
C GLY D 155 22.52 -5.80 -45.80
N THR D 156 21.70 -4.74 -45.83
CA THR D 156 21.98 -3.49 -45.12
C THR D 156 21.16 -3.31 -43.83
N PRO D 157 21.84 -2.97 -42.71
CA PRO D 157 21.16 -2.52 -41.50
C PRO D 157 20.08 -1.47 -41.79
N VAL D 158 18.91 -1.61 -41.15
CA VAL D 158 17.81 -0.66 -41.26
C VAL D 158 17.91 0.37 -40.13
N THR D 159 17.91 1.65 -40.50
CA THR D 159 17.98 2.75 -39.54
C THR D 159 16.59 2.96 -38.95
N GLN D 160 15.66 3.37 -39.82
CA GLN D 160 14.34 3.88 -39.42
C GLN D 160 13.21 2.87 -39.65
N GLY D 161 12.11 3.02 -38.92
CA GLY D 161 10.95 2.17 -39.17
C GLY D 161 10.84 0.88 -38.38
N MET D 162 11.73 0.66 -37.42
CA MET D 162 11.60 -0.49 -36.53
C MET D 162 11.37 -0.13 -35.04
N GLU D 163 10.56 -0.96 -34.38
CA GLU D 163 10.33 -0.89 -32.92
C GLU D 163 10.29 -2.29 -32.28
N THR D 164 11.04 -2.44 -31.18
CA THR D 164 11.11 -3.71 -30.45
C THR D 164 10.52 -3.52 -29.06
N THR D 165 9.89 -4.55 -28.51
CA THR D 165 9.32 -4.42 -27.17
C THR D 165 10.35 -4.70 -26.07
N GLN D 166 10.02 -4.26 -24.87
CA GLN D 166 10.87 -4.42 -23.71
C GLN D 166 10.78 -5.88 -23.25
N PRO D 167 11.92 -6.56 -23.04
CA PRO D 167 11.82 -7.96 -22.62
C PRO D 167 10.85 -8.12 -21.46
N SER D 168 9.83 -8.96 -21.66
CA SER D 168 8.87 -9.30 -20.63
C SER D 168 8.97 -10.78 -20.14
N LYS D 169 8.75 -11.01 -18.85
CA LYS D 169 8.87 -12.33 -18.18
C LYS D 169 7.74 -13.33 -18.55
N GLN D 170 8.10 -14.48 -19.14
CA GLN D 170 7.20 -15.66 -19.34
C GLN D 170 6.81 -16.43 -18.06
N SER D 171 5.64 -17.07 -18.07
CA SER D 171 5.23 -17.92 -16.93
C SER D 171 6.27 -18.91 -16.37
N ASN D 172 7.18 -19.43 -17.24
CA ASN D 172 8.35 -20.31 -16.85
C ASN D 172 9.66 -19.56 -16.50
N ASN D 173 9.53 -18.29 -16.16
CA ASN D 173 10.66 -17.38 -15.77
C ASN D 173 11.79 -17.09 -16.77
N LYS D 174 11.61 -17.47 -18.02
CA LYS D 174 12.43 -16.98 -19.13
C LYS D 174 11.78 -15.73 -19.72
N TYR D 175 12.33 -15.19 -20.80
CA TYR D 175 11.81 -13.93 -21.36
C TYR D 175 11.49 -13.98 -22.85
N MET D 176 10.57 -13.11 -23.22
CA MET D 176 10.08 -13.00 -24.57
C MET D 176 10.04 -11.54 -25.02
N ALA D 177 10.10 -11.33 -26.33
CA ALA D 177 9.97 -10.00 -26.90
C ALA D 177 9.55 -10.13 -28.34
N SER D 178 9.06 -9.03 -28.90
CA SER D 178 8.77 -8.97 -30.32
C SER D 178 9.42 -7.76 -31.01
N SER D 179 9.83 -7.92 -32.27
CA SER D 179 10.32 -6.78 -33.03
C SER D 179 9.50 -6.61 -34.31
N TYR D 180 9.08 -5.37 -34.59
CA TYR D 180 8.31 -5.04 -35.78
C TYR D 180 9.13 -4.26 -36.78
N LEU D 181 9.00 -4.64 -38.06
CA LEU D 181 9.64 -3.95 -39.17
C LEU D 181 8.57 -3.39 -40.13
N THR D 182 8.19 -2.12 -39.93
CA THR D 182 7.22 -1.46 -40.79
C THR D 182 7.82 -0.82 -42.11
N LEU D 183 7.20 -1.15 -43.25
CA LEU D 183 7.52 -0.57 -44.57
C LEU D 183 6.24 -0.25 -45.32
N THR D 184 6.32 0.47 -46.43
CA THR D 184 5.17 0.60 -47.35
C THR D 184 5.18 -0.63 -48.25
N ALA D 185 4.03 -0.97 -48.84
CA ALA D 185 4.01 -2.04 -49.84
C ALA D 185 5.03 -1.79 -51.01
N ARG D 186 5.20 -0.54 -51.44
CA ARG D 186 6.25 -0.24 -52.43
C ARG D 186 7.64 -0.76 -52.00
N ALA D 187 8.09 -0.42 -50.77
CA ALA D 187 9.43 -0.82 -50.27
C ALA D 187 9.60 -2.34 -50.25
N TRP D 188 8.62 -3.04 -49.67
CA TRP D 188 8.54 -4.51 -49.64
C TRP D 188 8.74 -5.17 -51.01
N GLU D 189 8.09 -4.63 -52.03
CA GLU D 189 8.26 -5.15 -53.38
C GLU D 189 9.65 -4.82 -53.93
N ARG D 190 10.18 -3.63 -53.59
CA ARG D 190 11.44 -3.12 -54.17
C ARG D 190 12.69 -3.70 -53.51
N HIS D 191 12.52 -4.72 -52.68
CA HIS D 191 13.68 -5.33 -52.05
C HIS D 191 13.50 -6.81 -51.98
N SER D 192 14.59 -7.52 -51.81
CA SER D 192 14.55 -8.97 -51.93
C SER D 192 14.87 -9.77 -50.65
N SER D 193 15.78 -9.27 -49.81
CA SER D 193 16.17 -10.04 -48.63
C SER D 193 15.87 -9.30 -47.36
N TYR D 194 15.48 -10.07 -46.33
CA TYR D 194 15.00 -9.58 -45.03
C TYR D 194 15.52 -10.46 -43.87
N SER D 195 15.96 -9.83 -42.78
CA SER D 195 16.52 -10.60 -41.66
C SER D 195 16.28 -9.94 -40.34
N CYS D 196 16.03 -10.74 -39.32
CA CYS D 196 15.90 -10.28 -37.93
C CYS D 196 17.01 -10.98 -37.20
N GLN D 197 17.84 -10.22 -36.48
CA GLN D 197 19.01 -10.80 -35.83
C GLN D 197 19.00 -10.56 -34.35
N VAL D 198 18.98 -11.64 -33.59
CA VAL D 198 18.86 -11.57 -32.15
C VAL D 198 20.19 -11.97 -31.52
N THR D 199 20.87 -11.02 -30.88
CA THR D 199 22.10 -11.30 -30.15
C THR D 199 21.77 -11.59 -28.67
N HIS D 200 22.12 -12.78 -28.19
CA HIS D 200 21.94 -13.15 -26.79
C HIS D 200 23.21 -13.85 -26.33
N GLU D 201 23.68 -13.52 -25.12
CA GLU D 201 24.86 -14.11 -24.51
C GLU D 201 25.94 -14.39 -25.56
N GLY D 202 26.46 -13.32 -26.18
CA GLY D 202 27.56 -13.51 -27.12
C GLY D 202 27.15 -13.73 -28.57
N HIS D 203 26.57 -14.90 -28.86
CA HIS D 203 26.23 -15.25 -30.26
C HIS D 203 24.96 -14.58 -30.75
N THR D 204 24.78 -14.58 -32.07
CA THR D 204 23.60 -14.01 -32.69
C THR D 204 22.72 -15.04 -33.42
N VAL D 205 21.43 -15.10 -33.10
CA VAL D 205 20.54 -16.01 -33.81
C VAL D 205 19.76 -15.27 -34.90
N GLU D 206 19.86 -15.79 -36.12
CA GLU D 206 19.29 -15.09 -37.27
C GLU D 206 18.26 -15.93 -38.02
N LYS D 207 17.14 -15.28 -38.27
CA LYS D 207 16.12 -15.82 -39.10
C LYS D 207 15.98 -14.86 -40.26
N SER D 208 15.93 -15.43 -41.45
CA SER D 208 16.14 -14.73 -42.71
C SER D 208 15.01 -15.06 -43.67
N LEU D 209 14.76 -14.21 -44.65
CA LEU D 209 13.68 -14.51 -45.62
C LEU D 209 13.70 -13.72 -46.94
N SER D 210 13.03 -14.29 -47.95
CA SER D 210 12.78 -13.64 -49.27
C SER D 210 11.32 -13.90 -49.75
N PRO D 211 10.68 -12.94 -50.47
CA PRO D 211 9.31 -13.18 -50.98
C PRO D 211 9.20 -14.19 -52.17
N ALA D 212 8.44 -15.27 -51.94
CA ALA D 212 8.21 -16.41 -52.86
C ALA D 212 7.73 -17.66 -52.05
N GLU E 1 -0.41 -1.79 6.66
CA GLU E 1 0.76 -1.08 7.26
C GLU E 1 1.33 -0.07 6.28
N VAL E 2 0.84 1.18 6.34
CA VAL E 2 1.22 2.30 5.46
C VAL E 2 0.99 2.06 3.98
N GLN E 3 -0.02 2.73 3.40
CA GLN E 3 -0.33 2.56 2.00
C GLN E 3 -0.31 3.91 1.26
N LEU E 4 0.35 3.92 0.10
CA LEU E 4 0.16 5.03 -0.82
C LEU E 4 -0.63 4.58 -2.05
N GLN E 5 -1.73 5.32 -2.33
CA GLN E 5 -2.58 5.09 -3.48
C GLN E 5 -2.70 6.26 -4.42
N GLU E 6 -2.17 6.11 -5.63
CA GLU E 6 -2.38 7.18 -6.62
C GLU E 6 -3.76 7.21 -7.31
N SER E 7 -4.24 8.41 -7.64
CA SER E 7 -5.52 8.56 -8.35
C SER E 7 -5.29 9.47 -9.53
N GLY E 8 -6.14 9.32 -10.54
CA GLY E 8 -6.23 10.33 -11.58
C GLY E 8 -6.80 9.74 -12.84
N PRO E 9 -6.88 10.56 -13.90
CA PRO E 9 -7.32 10.08 -15.21
C PRO E 9 -6.42 8.93 -15.68
N SER E 10 -6.86 8.16 -16.67
CA SER E 10 -6.03 7.15 -17.32
C SER E 10 -5.60 7.68 -18.70
N LEU E 11 -6.40 8.62 -19.18
CA LEU E 11 -6.21 9.26 -20.48
C LEU E 11 -6.53 10.76 -20.43
N VAL E 12 -5.73 11.57 -21.14
CA VAL E 12 -5.88 13.03 -21.23
C VAL E 12 -5.24 13.51 -22.54
N LYS E 13 -5.93 14.41 -23.25
CA LYS E 13 -5.48 14.81 -24.58
C LYS E 13 -4.33 15.81 -24.47
N PRO E 14 -3.41 15.85 -25.47
CA PRO E 14 -2.30 16.77 -25.36
C PRO E 14 -2.81 18.18 -25.38
N SER E 15 -2.18 19.03 -24.56
CA SER E 15 -2.59 20.43 -24.31
C SER E 15 -3.26 20.57 -22.94
N GLN E 16 -3.82 19.48 -22.43
CA GLN E 16 -4.64 19.59 -21.24
C GLN E 16 -3.82 19.65 -19.94
N THR E 17 -4.54 19.61 -18.81
CA THR E 17 -3.92 19.67 -17.50
C THR E 17 -4.27 18.41 -16.67
N LEU E 18 -3.25 17.61 -16.39
CA LEU E 18 -3.37 16.36 -15.65
C LEU E 18 -3.36 16.67 -14.14
N SER E 19 -4.21 15.95 -13.41
CA SER E 19 -4.33 16.17 -11.98
C SER E 19 -4.23 14.86 -11.23
N LEU E 20 -3.20 14.69 -10.43
CA LEU E 20 -3.02 13.39 -9.74
C LEU E 20 -3.09 13.50 -8.23
N THR E 21 -3.69 12.49 -7.60
CA THR E 21 -3.80 12.44 -6.13
C THR E 21 -2.97 11.27 -5.52
N CYS E 22 -2.45 11.49 -4.31
CA CYS E 22 -1.84 10.43 -3.55
C CYS E 22 -2.45 10.42 -2.19
N SER E 23 -3.26 9.40 -1.92
CA SER E 23 -3.91 9.25 -0.61
C SER E 23 -3.01 8.37 0.24
N VAL E 24 -2.79 8.81 1.49
CA VAL E 24 -1.83 8.18 2.39
C VAL E 24 -2.56 7.79 3.65
N THR E 25 -2.59 6.49 3.93
CA THR E 25 -3.21 5.96 5.14
C THR E 25 -2.19 5.14 5.93
N GLY E 26 -2.23 5.25 7.25
CA GLY E 26 -1.29 4.56 8.11
C GLY E 26 -0.26 5.49 8.73
N ASP E 27 -0.03 6.66 8.13
CA ASP E 27 0.92 7.64 8.70
C ASP E 27 0.57 9.05 8.23
N SER E 28 1.00 10.04 9.00
CA SER E 28 0.69 11.44 8.74
C SER E 28 1.66 12.02 7.72
N ILE E 29 1.17 12.78 6.75
CA ILE E 29 2.05 13.31 5.73
C ILE E 29 2.81 14.51 6.24
N THR E 30 2.55 14.85 7.48
CA THR E 30 3.34 15.83 8.17
C THR E 30 4.65 15.23 8.76
N SER E 31 5.25 14.22 8.14
CA SER E 31 6.52 13.68 8.70
C SER E 31 7.74 13.53 7.80
N GLY E 32 7.56 13.02 6.59
CA GLY E 32 8.70 12.83 5.71
C GLY E 32 8.67 13.79 4.52
N TYR E 33 9.53 13.57 3.54
CA TYR E 33 9.35 14.27 2.30
C TYR E 33 8.47 13.42 1.42
N TRP E 34 7.46 14.07 0.84
CA TRP E 34 6.44 13.40 -0.01
C TRP E 34 6.63 13.71 -1.49
N ASN E 35 6.81 12.68 -2.31
CA ASN E 35 7.21 12.92 -3.70
C ASN E 35 6.47 12.22 -4.83
N TRP E 36 6.72 12.73 -6.05
CA TRP E 36 6.26 12.18 -7.34
C TRP E 36 7.39 11.62 -8.23
N ILE E 37 7.22 10.39 -8.73
CA ILE E 37 8.21 9.78 -9.65
C ILE E 37 7.49 9.23 -10.88
N ARG E 38 8.12 9.33 -12.03
CA ARG E 38 7.52 8.80 -13.26
C ARG E 38 8.33 7.63 -13.76
N LYS E 39 7.66 6.68 -14.37
CA LYS E 39 8.35 5.58 -15.01
C LYS E 39 7.89 5.54 -16.45
N PHE E 40 8.73 6.03 -17.35
CA PHE E 40 8.44 6.07 -18.79
C PHE E 40 8.32 4.67 -19.39
N PRO E 41 7.76 4.53 -20.62
CA PRO E 41 7.60 3.19 -21.21
C PRO E 41 8.91 2.46 -21.48
N GLY E 42 10.00 3.22 -21.60
CA GLY E 42 11.31 2.65 -21.93
C GLY E 42 12.13 2.19 -20.74
N ASN E 43 11.50 2.14 -19.58
CA ASN E 43 12.16 1.84 -18.30
C ASN E 43 12.91 3.01 -17.60
N LYS E 44 12.80 4.24 -18.11
CA LYS E 44 13.53 5.33 -17.48
C LYS E 44 12.74 5.95 -16.35
N LEU E 45 13.29 5.97 -15.14
CA LEU E 45 12.63 6.66 -14.03
C LEU E 45 13.03 8.14 -14.02
N GLU E 46 12.09 9.01 -13.64
CA GLU E 46 12.35 10.45 -13.52
C GLU E 46 11.75 10.98 -12.23
N TYR E 47 12.61 11.56 -11.40
CA TYR E 47 12.23 12.26 -10.17
C TYR E 47 11.53 13.57 -10.50
N MET E 48 10.26 13.69 -10.09
CA MET E 48 9.43 14.85 -10.43
C MET E 48 9.71 15.98 -9.45
N GLY E 49 9.73 15.65 -8.17
CA GLY E 49 9.82 16.70 -7.18
C GLY E 49 9.11 16.30 -5.91
N TYR E 50 9.18 17.17 -4.92
CA TYR E 50 8.58 16.87 -3.64
C TYR E 50 7.85 18.02 -2.98
N ILE E 51 7.11 17.68 -1.93
CA ILE E 51 6.60 18.67 -0.96
C ILE E 51 6.97 18.23 0.46
N SER E 52 7.46 19.12 1.30
CA SER E 52 7.79 18.68 2.62
C SER E 52 6.57 18.46 3.53
N TYR E 53 6.84 17.93 4.72
CA TYR E 53 5.92 17.89 5.83
C TYR E 53 5.57 19.29 6.38
N GLY E 54 6.21 20.34 5.87
CA GLY E 54 5.88 21.74 6.20
C GLY E 54 5.25 22.49 5.03
N GLY E 55 5.17 21.83 3.88
CA GLY E 55 4.64 22.43 2.66
C GLY E 55 5.65 23.01 1.69
N SER E 56 6.93 22.88 1.99
CA SER E 56 7.95 23.43 1.13
C SER E 56 8.02 22.58 -0.10
N THR E 57 8.17 23.20 -1.27
CA THR E 57 8.27 22.42 -2.50
C THR E 57 9.69 22.34 -3.11
N TYR E 58 9.90 21.39 -4.02
CA TYR E 58 11.05 21.43 -4.91
C TYR E 58 10.68 20.73 -6.22
N TYR E 59 11.05 21.29 -7.36
CA TYR E 59 10.76 20.63 -8.67
C TYR E 59 11.98 20.44 -9.60
N ASN E 60 12.11 19.23 -10.17
CA ASN E 60 13.01 18.93 -11.27
C ASN E 60 13.17 20.15 -12.17
N PRO E 61 14.41 20.61 -12.42
CA PRO E 61 14.55 21.88 -13.10
C PRO E 61 13.98 21.88 -14.55
N SER E 62 13.66 20.69 -15.08
CA SER E 62 13.02 20.50 -16.38
C SER E 62 11.50 20.61 -16.36
N LEU E 63 10.92 20.74 -15.16
CA LEU E 63 9.47 20.70 -14.99
C LEU E 63 8.98 21.96 -14.25
N GLU E 64 9.91 22.81 -13.81
CA GLU E 64 9.50 24.01 -13.05
C GLU E 64 8.33 24.78 -13.68
N SER E 65 8.36 24.91 -15.01
CA SER E 65 7.39 25.74 -15.66
C SER E 65 6.01 25.10 -15.72
N ARG E 66 5.94 23.79 -15.48
CA ARG E 66 4.69 23.05 -15.64
C ARG E 66 4.15 22.47 -14.33
N ILE E 67 4.99 21.68 -13.66
CA ILE E 67 4.61 20.96 -12.45
C ILE E 67 4.26 21.87 -11.26
N SER E 68 3.38 21.33 -10.42
CA SER E 68 2.89 22.05 -9.28
C SER E 68 2.39 21.00 -8.29
N ILE E 69 3.05 20.90 -7.12
CA ILE E 69 2.72 19.88 -6.11
C ILE E 69 2.04 20.54 -4.93
N THR E 70 0.81 20.14 -4.65
CA THR E 70 0.18 20.72 -3.49
C THR E 70 -0.11 19.60 -2.53
N ARG E 71 -0.70 19.96 -1.37
CA ARG E 71 -1.07 19.06 -0.30
C ARG E 71 -2.18 19.67 0.53
N ASP E 72 -2.96 18.82 1.20
CA ASP E 72 -3.98 19.23 2.13
C ASP E 72 -3.84 18.25 3.28
N THR E 73 -3.30 18.68 4.43
CA THR E 73 -3.16 17.74 5.56
C THR E 73 -4.50 17.16 6.09
N SER E 74 -5.59 17.92 6.00
CA SER E 74 -6.87 17.49 6.55
C SER E 74 -7.33 16.17 5.98
N LYS E 75 -7.21 15.98 4.66
CA LYS E 75 -7.69 14.76 4.05
C LYS E 75 -6.51 13.78 4.06
N ASN E 76 -5.36 14.31 4.48
CA ASN E 76 -4.10 13.61 4.43
C ASN E 76 -3.73 13.15 3.04
N GLN E 77 -3.69 14.08 2.09
CA GLN E 77 -3.24 13.75 0.74
C GLN E 77 -2.41 14.86 0.11
N TYR E 78 -1.56 14.52 -0.83
CA TYR E 78 -0.98 15.57 -1.66
C TYR E 78 -1.32 15.36 -3.12
N TYR E 79 -0.81 16.22 -3.99
CA TYR E 79 -1.24 16.28 -5.38
C TYR E 79 -0.14 16.65 -6.36
N LEU E 80 -0.38 16.32 -7.62
CA LEU E 80 0.53 16.67 -8.70
C LEU E 80 -0.30 17.28 -9.79
N GLN E 81 0.13 18.44 -10.23
CA GLN E 81 -0.50 19.05 -11.37
C GLN E 81 0.56 19.27 -12.42
N LEU E 82 0.22 18.97 -13.67
CA LEU E 82 1.19 19.02 -14.73
C LEU E 82 0.45 19.43 -15.98
N ASN E 83 0.55 20.70 -16.36
CA ASN E 83 -0.15 21.17 -17.54
C ASN E 83 0.73 21.11 -18.76
N SER E 84 0.19 21.64 -19.88
CA SER E 84 0.84 21.67 -21.22
C SER E 84 1.32 20.28 -21.55
N VAL E 85 0.43 19.33 -21.31
CA VAL E 85 0.75 17.94 -21.42
C VAL E 85 1.10 17.60 -22.87
N THR E 86 2.01 16.65 -23.03
CA THR E 86 2.51 16.24 -24.33
C THR E 86 2.71 14.73 -24.37
N THR E 87 2.54 14.15 -25.56
CA THR E 87 2.89 12.77 -25.81
C THR E 87 3.99 12.26 -24.89
N GLU E 88 4.96 13.12 -24.57
CA GLU E 88 6.15 12.68 -23.82
C GLU E 88 5.79 12.34 -22.39
N ASP E 89 4.64 12.85 -21.94
CA ASP E 89 4.20 12.71 -20.55
C ASP E 89 3.54 11.35 -20.32
N THR E 90 3.45 10.56 -21.38
CA THR E 90 2.87 9.23 -21.28
C THR E 90 3.81 8.38 -20.41
N ALA E 91 3.31 7.87 -19.30
CA ALA E 91 4.09 7.09 -18.32
C ALA E 91 3.21 6.59 -17.14
N THR E 92 3.85 5.94 -16.17
CA THR E 92 3.20 5.49 -14.92
C THR E 92 3.69 6.32 -13.74
N TYR E 93 2.77 6.95 -13.00
CA TYR E 93 3.14 7.94 -11.99
C TYR E 93 3.15 7.30 -10.61
N PHE E 94 4.17 7.57 -9.82
CA PHE E 94 4.24 7.02 -8.48
C PHE E 94 4.40 8.12 -7.49
N CYS E 95 3.77 7.93 -6.33
CA CYS E 95 4.15 8.68 -5.15
C CYS E 95 4.95 7.77 -4.20
N ALA E 96 5.95 8.35 -3.58
CA ALA E 96 6.80 7.63 -2.63
C ALA E 96 7.19 8.64 -1.57
N ARG E 97 7.55 8.16 -0.37
CA ARG E 97 8.04 9.07 0.67
C ARG E 97 9.55 8.91 0.77
N LEU E 98 10.17 9.90 1.39
CA LEU E 98 11.61 9.92 1.52
C LEU E 98 11.92 10.27 2.94
N PHE E 99 12.52 9.34 3.68
CA PHE E 99 12.99 9.63 5.02
C PHE E 99 14.09 10.66 4.92
N GLY E 100 13.69 11.94 4.85
CA GLY E 100 14.49 13.07 4.32
C GLY E 100 15.95 12.82 4.30
N SER E 101 16.60 12.94 3.14
CA SER E 101 18.05 12.64 3.01
C SER E 101 18.44 11.17 2.93
N TYR E 102 17.68 10.30 3.59
CA TYR E 102 17.94 8.87 3.48
C TYR E 102 17.08 8.11 2.45
N TYR E 103 16.69 6.90 2.79
CA TYR E 103 16.04 5.98 1.89
C TYR E 103 14.56 6.25 1.59
N PHE E 104 14.09 5.72 0.46
CA PHE E 104 12.67 5.69 0.18
C PHE E 104 12.00 4.60 1.02
N ASP E 105 11.17 4.98 1.99
CA ASP E 105 10.25 4.02 2.60
C ASP E 105 8.83 4.33 2.14
N TYR E 106 8.11 3.36 1.61
CA TYR E 106 6.76 3.53 1.05
C TYR E 106 6.78 4.09 -0.37
N TRP E 107 6.36 3.26 -1.30
CA TRP E 107 5.98 3.67 -2.64
C TRP E 107 4.53 3.28 -2.87
N GLY E 108 3.85 3.98 -3.74
CA GLY E 108 2.53 3.53 -4.17
C GLY E 108 2.59 2.44 -5.23
N GLN E 109 1.42 1.90 -5.55
CA GLN E 109 1.26 1.03 -6.70
C GLN E 109 1.47 1.70 -8.07
N GLY E 110 1.36 3.02 -8.13
CA GLY E 110 1.41 3.74 -9.39
C GLY E 110 0.10 3.72 -10.17
N THR E 111 -0.10 4.77 -10.98
CA THR E 111 -1.16 4.84 -12.02
C THR E 111 -0.51 5.18 -13.34
N THR E 112 -0.92 4.43 -14.36
CA THR E 112 -0.54 4.67 -15.72
C THR E 112 -1.36 5.83 -16.22
N LEU E 113 -0.65 6.74 -16.90
CA LEU E 113 -1.27 7.85 -17.59
C LEU E 113 -0.85 7.89 -19.06
N THR E 114 -1.82 8.03 -19.95
CA THR E 114 -1.59 8.05 -21.39
C THR E 114 -1.95 9.40 -21.98
N VAL E 115 -1.04 10.00 -22.74
CA VAL E 115 -1.35 11.26 -23.43
C VAL E 115 -1.53 11.04 -24.93
N SER E 116 -2.72 11.34 -25.41
CA SER E 116 -3.09 10.99 -26.79
C SER E 116 -4.29 11.75 -27.34
N SER E 117 -4.21 12.12 -28.60
CA SER E 117 -5.34 12.78 -29.26
C SER E 117 -6.16 11.74 -30.05
N ALA E 118 -5.57 10.57 -30.21
CA ALA E 118 -6.20 9.44 -30.85
C ALA E 118 -7.68 9.29 -30.52
N LYS E 119 -8.45 8.98 -31.56
CA LYS E 119 -9.87 8.69 -31.45
C LYS E 119 -10.02 7.18 -31.48
N THR E 120 -10.99 6.65 -30.73
CA THR E 120 -11.24 5.20 -30.62
C THR E 120 -11.30 4.45 -31.94
N THR E 121 -10.42 3.47 -32.09
CA THR E 121 -10.16 2.81 -33.36
C THR E 121 -10.09 1.28 -33.10
N PRO E 122 -10.95 0.50 -33.78
CA PRO E 122 -10.82 -0.95 -33.75
C PRO E 122 -9.52 -1.41 -34.42
N PRO E 123 -9.00 -2.58 -33.99
CA PRO E 123 -7.85 -3.19 -34.63
C PRO E 123 -8.17 -3.76 -35.98
N SER E 124 -7.14 -3.84 -36.81
CA SER E 124 -7.15 -4.63 -38.02
C SER E 124 -6.34 -5.87 -37.66
N VAL E 125 -6.88 -7.05 -37.97
CA VAL E 125 -6.25 -8.30 -37.57
C VAL E 125 -5.83 -9.05 -38.81
N TYR E 126 -4.57 -9.46 -38.84
CA TYR E 126 -3.97 -10.13 -40.00
C TYR E 126 -3.27 -11.44 -39.60
N PRO E 127 -3.49 -12.53 -40.34
CA PRO E 127 -2.81 -13.78 -39.95
C PRO E 127 -1.31 -13.70 -40.25
N LEU E 128 -0.51 -14.19 -39.30
CA LEU E 128 0.93 -14.35 -39.50
C LEU E 128 1.29 -15.83 -39.67
N ALA E 129 1.53 -16.24 -40.92
CA ALA E 129 1.85 -17.63 -41.21
C ALA E 129 3.23 -17.79 -41.83
N PRO E 130 3.93 -18.92 -41.54
CA PRO E 130 5.27 -19.11 -42.08
C PRO E 130 5.20 -19.28 -43.59
N GLY E 131 4.31 -20.19 -44.00
CA GLY E 131 4.20 -20.70 -45.38
C GLY E 131 3.15 -21.80 -45.51
N SER E 138 9.07 -29.80 -37.66
CA SER E 138 8.40 -30.72 -36.75
C SER E 138 7.28 -30.04 -35.99
N MET E 139 7.45 -28.72 -35.75
CA MET E 139 6.45 -27.88 -35.08
C MET E 139 6.32 -26.53 -35.78
N VAL E 140 5.08 -26.08 -35.93
CA VAL E 140 4.73 -24.96 -36.76
C VAL E 140 4.34 -23.81 -35.85
N THR E 141 4.89 -22.62 -36.08
CA THR E 141 4.62 -21.49 -35.17
C THR E 141 3.81 -20.42 -35.89
N LEU E 142 2.56 -20.29 -35.46
CA LEU E 142 1.57 -19.42 -36.07
C LEU E 142 1.47 -18.12 -35.28
N GLY E 143 1.09 -17.02 -35.91
CA GLY E 143 1.02 -15.76 -35.20
C GLY E 143 -0.19 -14.95 -35.53
N CYS E 144 -0.42 -13.89 -34.77
CA CYS E 144 -1.49 -12.97 -35.07
C CYS E 144 -1.05 -11.56 -34.81
N LEU E 145 -1.23 -10.70 -35.81
CA LEU E 145 -0.88 -9.28 -35.72
C LEU E 145 -2.08 -8.42 -35.45
N VAL E 146 -2.25 -7.94 -34.22
CA VAL E 146 -3.30 -6.96 -33.95
C VAL E 146 -2.71 -5.56 -34.08
N LYS E 147 -2.95 -4.92 -35.24
CA LYS E 147 -2.30 -3.64 -35.59
C LYS E 147 -3.27 -2.45 -35.72
N GLY E 148 -2.94 -1.35 -35.04
CA GLY E 148 -3.59 -0.05 -35.30
C GLY E 148 -4.87 0.18 -34.55
N TYR E 149 -4.80 0.13 -33.21
CA TYR E 149 -5.97 0.26 -32.35
C TYR E 149 -5.77 1.27 -31.24
N PHE E 150 -6.87 1.73 -30.64
CA PHE E 150 -6.83 2.66 -29.52
C PHE E 150 -8.20 2.68 -28.84
N PRO E 151 -8.24 2.70 -27.50
CA PRO E 151 -7.18 2.57 -26.49
C PRO E 151 -6.89 1.10 -26.18
N GLU E 152 -6.00 0.83 -25.23
CA GLU E 152 -5.82 -0.55 -24.79
C GLU E 152 -6.95 -0.88 -23.84
N PRO E 153 -7.13 -2.17 -23.51
CA PRO E 153 -6.35 -3.26 -24.04
C PRO E 153 -7.12 -3.99 -25.14
N VAL E 154 -6.56 -5.11 -25.59
CA VAL E 154 -7.24 -6.03 -26.45
C VAL E 154 -7.17 -7.31 -25.71
N THR E 155 -8.09 -8.20 -26.03
CA THR E 155 -8.06 -9.51 -25.39
C THR E 155 -7.90 -10.52 -26.53
N VAL E 156 -6.75 -11.20 -26.54
CA VAL E 156 -6.37 -12.04 -27.69
C VAL E 156 -6.47 -13.51 -27.36
N THR E 157 -7.16 -14.31 -28.17
CA THR E 157 -7.17 -15.76 -27.92
C THR E 157 -7.12 -16.64 -29.17
N TRP E 158 -6.73 -17.90 -28.98
CA TRP E 158 -6.59 -18.88 -30.06
C TRP E 158 -7.56 -20.04 -29.92
N ASN E 159 -8.26 -20.34 -31.03
CA ASN E 159 -9.32 -21.35 -31.03
C ASN E 159 -10.24 -21.17 -29.82
N SER E 160 -10.67 -19.93 -29.59
CA SER E 160 -11.57 -19.59 -28.49
C SER E 160 -11.09 -20.04 -27.10
N GLY E 161 -9.78 -20.11 -26.93
CA GLY E 161 -9.23 -20.56 -25.68
C GLY E 161 -8.95 -22.05 -25.67
N SER E 162 -9.45 -22.76 -26.70
CA SER E 162 -9.23 -24.21 -26.82
C SER E 162 -7.71 -24.52 -26.78
N LEU E 163 -6.96 -23.64 -27.43
CA LEU E 163 -5.52 -23.80 -27.57
C LEU E 163 -4.78 -22.79 -26.68
N SER E 164 -4.32 -23.24 -25.52
CA SER E 164 -3.76 -22.32 -24.53
C SER E 164 -2.32 -22.68 -24.11
N SER E 165 -1.79 -23.77 -24.65
CA SER E 165 -0.39 -24.13 -24.42
C SER E 165 0.52 -23.48 -25.47
N GLY E 166 1.67 -23.00 -25.03
CA GLY E 166 2.64 -22.39 -25.94
C GLY E 166 2.13 -21.18 -26.73
N VAL E 167 1.35 -20.35 -26.05
CA VAL E 167 0.80 -19.14 -26.65
C VAL E 167 1.48 -17.96 -25.97
N HIS E 168 2.17 -17.13 -26.76
CA HIS E 168 2.81 -15.90 -26.25
C HIS E 168 2.16 -14.65 -26.86
N THR E 169 1.62 -13.80 -25.99
CA THR E 169 1.00 -12.55 -26.41
C THR E 169 1.91 -11.42 -25.95
N PHE E 170 2.44 -10.63 -26.89
CA PHE E 170 3.48 -9.66 -26.53
C PHE E 170 2.91 -8.27 -26.23
N PRO E 171 3.63 -7.50 -25.42
CA PRO E 171 3.23 -6.13 -25.10
C PRO E 171 3.13 -5.27 -26.33
N ALA E 172 2.05 -4.50 -26.41
CA ALA E 172 1.77 -3.62 -27.55
C ALA E 172 2.77 -2.50 -27.59
N VAL E 173 3.14 -2.07 -28.79
CA VAL E 173 4.03 -0.94 -28.94
C VAL E 173 3.20 0.10 -29.62
N LEU E 174 3.79 1.25 -29.89
CA LEU E 174 3.07 2.42 -30.40
C LEU E 174 3.61 2.87 -31.78
N GLN E 175 2.85 2.54 -32.82
CA GLN E 175 3.14 2.87 -34.23
C GLN E 175 2.13 3.90 -34.72
N SER E 176 2.64 5.05 -35.13
CA SER E 176 1.84 6.17 -35.70
C SER E 176 0.63 6.55 -34.81
N ASP E 177 0.93 6.99 -33.59
CA ASP E 177 -0.09 7.29 -32.58
C ASP E 177 -1.16 6.19 -32.34
N LEU E 178 -0.97 5.00 -32.92
CA LEU E 178 -1.84 3.83 -32.64
C LEU E 178 -1.11 2.62 -32.09
N TYR E 179 -1.85 1.73 -31.44
CA TYR E 179 -1.28 0.52 -30.83
C TYR E 179 -1.20 -0.65 -31.77
N THR E 180 -0.15 -1.43 -31.61
CA THR E 180 0.04 -2.62 -32.41
C THR E 180 0.63 -3.63 -31.49
N LEU E 181 0.11 -4.85 -31.60
CA LEU E 181 0.60 -5.98 -30.84
C LEU E 181 0.39 -7.20 -31.68
N SER E 182 1.18 -8.23 -31.41
CA SER E 182 1.07 -9.52 -32.04
C SER E 182 1.10 -10.69 -31.03
N SER E 183 0.54 -11.83 -31.43
CA SER E 183 0.40 -12.97 -30.52
C SER E 183 0.80 -14.19 -31.26
N SER E 184 1.32 -15.19 -30.57
CA SER E 184 1.69 -16.43 -31.28
C SER E 184 1.37 -17.69 -30.49
N VAL E 185 1.01 -18.75 -31.22
CA VAL E 185 0.76 -20.11 -30.71
C VAL E 185 1.64 -21.08 -31.47
N THR E 186 2.12 -22.12 -30.76
CA THR E 186 2.97 -23.16 -31.36
C THR E 186 2.33 -24.54 -31.27
N VAL E 187 2.12 -25.15 -32.43
CA VAL E 187 1.39 -26.41 -32.55
C VAL E 187 2.23 -27.44 -33.32
N PRO E 188 1.88 -28.74 -33.21
CA PRO E 188 2.61 -29.75 -34.01
C PRO E 188 2.48 -29.53 -35.54
N SER E 189 3.47 -29.97 -36.31
CA SER E 189 3.41 -29.90 -37.79
C SER E 189 2.29 -30.78 -38.30
N SER E 190 1.96 -31.82 -37.54
CA SER E 190 0.90 -32.75 -37.88
C SER E 190 -0.48 -32.10 -37.75
N THR E 191 -0.56 -31.06 -36.93
CA THR E 191 -1.84 -30.46 -36.56
C THR E 191 -2.27 -29.31 -37.48
N TRP E 192 -1.38 -28.87 -38.37
CA TRP E 192 -1.63 -27.70 -39.25
C TRP E 192 -0.71 -27.68 -40.48
N PRO E 193 -1.28 -27.46 -41.69
CA PRO E 193 -2.66 -27.05 -42.10
C PRO E 193 -3.79 -27.94 -41.60
N SER E 194 -3.65 -29.25 -41.78
CA SER E 194 -4.57 -30.28 -41.26
C SER E 194 -5.82 -29.77 -40.46
N GLU E 195 -5.61 -29.24 -39.25
CA GLU E 195 -6.70 -28.69 -38.42
C GLU E 195 -6.59 -27.16 -38.35
N THR E 196 -7.74 -26.49 -38.28
CA THR E 196 -7.86 -25.02 -38.29
C THR E 196 -7.38 -24.31 -37.00
N VAL E 197 -6.51 -23.29 -37.18
CA VAL E 197 -6.07 -22.41 -36.09
C VAL E 197 -6.59 -21.00 -36.38
N THR E 198 -7.58 -20.60 -35.58
CA THR E 198 -8.21 -19.27 -35.67
C THR E 198 -7.78 -18.34 -34.53
N CYS E 199 -7.63 -17.07 -34.87
CA CYS E 199 -7.13 -16.06 -33.98
C CYS E 199 -8.28 -15.11 -33.62
N ASN E 200 -8.55 -14.97 -32.32
CA ASN E 200 -9.71 -14.23 -31.78
C ASN E 200 -9.31 -12.93 -31.13
N VAL E 201 -9.98 -11.84 -31.48
CA VAL E 201 -9.55 -10.52 -31.03
C VAL E 201 -10.76 -9.66 -30.71
N ALA E 202 -10.83 -9.37 -29.42
CA ALA E 202 -11.84 -8.51 -28.85
C ALA E 202 -11.18 -7.19 -28.37
N HIS E 203 -11.75 -6.08 -28.85
CA HIS E 203 -11.44 -4.75 -28.43
C HIS E 203 -12.67 -4.08 -27.78
N PRO E 204 -12.81 -4.21 -26.45
CA PRO E 204 -14.02 -3.76 -25.74
C PRO E 204 -14.39 -2.30 -26.06
N ALA E 205 -13.39 -1.43 -26.15
CA ALA E 205 -13.54 0.01 -26.46
C ALA E 205 -14.34 0.39 -27.74
N SER E 206 -13.89 -0.05 -28.92
CA SER E 206 -14.60 0.13 -30.19
C SER E 206 -15.71 -0.90 -30.33
N SER E 207 -15.75 -1.82 -29.36
CA SER E 207 -16.73 -2.88 -29.28
C SER E 207 -16.81 -3.70 -30.57
N THR E 208 -15.66 -4.24 -30.99
CA THR E 208 -15.59 -5.13 -32.14
C THR E 208 -14.97 -6.42 -31.68
N LYS E 209 -15.16 -7.47 -32.46
CA LYS E 209 -14.62 -8.77 -32.17
C LYS E 209 -14.45 -9.53 -33.48
N VAL E 210 -13.21 -9.80 -33.87
CA VAL E 210 -12.96 -10.47 -35.15
C VAL E 210 -12.16 -11.74 -34.90
N ASP E 211 -12.14 -12.66 -35.86
CA ASP E 211 -11.34 -13.89 -35.76
C ASP E 211 -10.71 -14.39 -37.05
N LYS E 212 -9.39 -14.26 -37.15
CA LYS E 212 -8.65 -14.66 -38.35
C LYS E 212 -8.17 -16.09 -38.37
N LYS E 213 -8.64 -16.84 -39.36
CA LYS E 213 -8.06 -18.14 -39.67
C LYS E 213 -6.66 -17.92 -40.22
N ILE E 214 -5.72 -18.78 -39.84
CA ILE E 214 -4.34 -18.72 -40.32
C ILE E 214 -4.16 -19.72 -41.46
N VAL E 215 -3.81 -19.20 -42.62
CA VAL E 215 -3.78 -19.98 -43.87
C VAL E 215 -2.32 -20.07 -44.37
N PRO E 216 -1.99 -21.11 -45.15
CA PRO E 216 -0.68 -21.10 -45.81
C PRO E 216 -0.44 -19.92 -46.76
N ARG E 217 0.83 -19.54 -46.90
CA ARG E 217 1.30 -18.33 -47.62
C ARG E 217 0.98 -18.05 -49.12
N ASP E 218 1.51 -16.91 -49.59
CA ASP E 218 1.24 -16.31 -50.89
C ASP E 218 2.48 -16.16 -51.81
N CYS E 219 2.33 -15.40 -52.92
CA CYS E 219 3.41 -15.07 -53.91
C CYS E 219 2.83 -14.31 -55.12
N GLY E 220 3.62 -13.51 -55.85
CA GLY E 220 4.98 -13.12 -55.48
C GLY E 220 6.14 -13.84 -56.19
N MET F 1 -8.78 -10.48 -14.74
CA MET F 1 -8.00 -11.34 -15.69
C MET F 1 -8.51 -11.18 -17.13
N ASN F 2 -8.36 -12.18 -18.02
CA ASN F 2 -8.70 -11.99 -19.47
C ASN F 2 -9.05 -13.18 -20.40
N LYS F 3 -10.35 -13.42 -20.64
CA LYS F 3 -10.87 -14.49 -21.55
C LYS F 3 -11.93 -13.88 -22.51
N GLN F 4 -12.36 -14.61 -23.56
CA GLN F 4 -13.40 -14.07 -24.50
C GLN F 4 -14.90 -14.06 -24.01
N LYS F 5 -15.64 -13.00 -24.37
CA LYS F 5 -17.08 -12.86 -24.00
C LYS F 5 -17.88 -14.03 -24.54
N ILE F 6 -18.86 -14.54 -23.81
CA ILE F 6 -19.71 -15.64 -24.34
C ILE F 6 -21.17 -15.23 -24.48
N SER F 7 -21.80 -15.63 -25.57
CA SER F 7 -23.17 -15.19 -25.82
C SER F 7 -24.19 -15.99 -25.01
N PRO F 8 -25.36 -15.36 -24.69
CA PRO F 8 -26.50 -16.03 -24.06
C PRO F 8 -27.04 -17.20 -24.89
N ALA F 9 -27.31 -16.91 -26.15
CA ALA F 9 -27.77 -17.92 -27.11
C ALA F 9 -26.91 -19.22 -27.10
N GLU F 10 -25.61 -19.06 -26.78
CA GLU F 10 -24.70 -20.19 -26.65
C GLU F 10 -24.82 -20.91 -25.30
N VAL F 11 -24.91 -20.14 -24.21
CA VAL F 11 -24.96 -20.72 -22.86
C VAL F 11 -26.21 -21.58 -22.77
N ALA F 12 -27.34 -21.03 -23.23
CA ALA F 12 -28.66 -21.65 -23.03
C ALA F 12 -28.76 -23.01 -23.69
N LYS F 13 -27.85 -23.28 -24.60
CA LYS F 13 -27.83 -24.53 -25.32
C LYS F 13 -27.38 -25.69 -24.42
N HIS F 14 -26.64 -25.36 -23.36
CA HIS F 14 -26.05 -26.37 -22.45
C HIS F 14 -26.91 -26.59 -21.20
N ASN F 15 -27.92 -27.44 -21.34
CA ASN F 15 -28.92 -27.53 -20.32
C ASN F 15 -29.40 -28.95 -20.06
N LYS F 16 -28.46 -29.87 -19.99
CA LYS F 16 -28.82 -31.27 -19.82
C LYS F 16 -27.84 -31.87 -18.83
N PRO F 17 -28.27 -32.92 -18.10
CA PRO F 17 -27.40 -33.58 -17.13
C PRO F 17 -25.98 -33.83 -17.62
N ASP F 18 -25.82 -34.17 -18.88
CA ASP F 18 -24.48 -34.48 -19.39
C ASP F 18 -23.79 -33.28 -20.08
N ASP F 19 -24.52 -32.16 -20.21
CA ASP F 19 -23.98 -30.95 -20.84
C ASP F 19 -24.61 -29.72 -20.20
N CYS F 20 -23.92 -29.19 -19.18
CA CYS F 20 -24.49 -28.25 -18.23
C CYS F 20 -23.60 -27.01 -17.91
N TRP F 21 -24.14 -25.83 -18.21
CA TRP F 21 -23.44 -24.59 -17.97
C TRP F 21 -24.35 -23.77 -17.13
N VAL F 22 -23.78 -22.73 -16.54
CA VAL F 22 -24.56 -21.86 -15.71
C VAL F 22 -23.89 -20.48 -15.62
N VAL F 23 -24.71 -19.45 -15.44
CA VAL F 23 -24.19 -18.08 -15.24
C VAL F 23 -24.24 -17.60 -13.77
N ILE F 24 -23.11 -17.56 -13.08
CA ILE F 24 -23.10 -16.99 -11.73
C ILE F 24 -22.43 -15.63 -11.78
N ASN F 25 -23.17 -14.61 -11.33
CA ASN F 25 -22.81 -13.24 -11.57
C ASN F 25 -22.91 -13.09 -13.08
N GLY F 26 -21.90 -12.52 -13.72
CA GLY F 26 -21.99 -12.32 -15.16
C GLY F 26 -21.01 -13.21 -15.87
N TYR F 27 -20.76 -14.39 -15.27
CA TYR F 27 -19.73 -15.36 -15.72
C TYR F 27 -20.28 -16.77 -16.00
N VAL F 28 -19.70 -17.44 -16.99
CA VAL F 28 -20.14 -18.78 -17.43
C VAL F 28 -19.30 -19.92 -16.87
N TYR F 29 -20.00 -20.98 -16.45
CA TYR F 29 -19.38 -22.15 -15.80
C TYR F 29 -19.86 -23.45 -16.39
N ASP F 30 -18.93 -24.28 -16.88
CA ASP F 30 -19.24 -25.65 -17.27
C ASP F 30 -19.20 -26.49 -16.00
N LEU F 31 -20.37 -27.01 -15.61
CA LEU F 31 -20.54 -27.71 -14.33
C LEU F 31 -20.75 -29.23 -14.51
N THR F 32 -20.82 -29.64 -15.78
CA THR F 32 -20.80 -31.05 -16.22
C THR F 32 -19.89 -31.97 -15.40
N ARG F 33 -18.57 -31.74 -15.43
CA ARG F 33 -17.63 -32.64 -14.73
C ARG F 33 -17.61 -32.40 -13.22
N PHE F 34 -18.67 -31.83 -12.70
CA PHE F 34 -18.70 -31.49 -11.29
C PHE F 34 -20.04 -31.94 -10.67
N LEU F 35 -21.09 -32.12 -11.49
CA LEU F 35 -22.40 -32.54 -10.99
C LEU F 35 -22.27 -33.61 -9.91
N PRO F 36 -21.63 -34.76 -10.25
CA PRO F 36 -21.47 -35.87 -9.31
C PRO F 36 -20.87 -35.51 -7.96
N ASN F 37 -20.12 -34.41 -7.88
CA ASN F 37 -19.38 -34.02 -6.67
C ASN F 37 -19.98 -32.88 -5.82
N HIS F 38 -21.02 -32.24 -6.37
CA HIS F 38 -21.78 -31.19 -5.68
C HIS F 38 -22.31 -31.61 -4.30
N PRO F 39 -21.74 -31.04 -3.23
CA PRO F 39 -22.28 -31.29 -1.91
C PRO F 39 -23.73 -30.91 -1.88
N GLY F 40 -24.14 -30.07 -2.81
CA GLY F 40 -25.54 -29.66 -2.86
C GLY F 40 -26.41 -30.68 -3.58
N GLY F 41 -25.80 -31.80 -3.97
CA GLY F 41 -26.47 -32.81 -4.75
C GLY F 41 -26.60 -32.36 -6.17
N GLN F 42 -26.78 -33.30 -7.10
CA GLN F 42 -26.79 -33.00 -8.54
C GLN F 42 -28.02 -32.27 -9.02
N ASP F 43 -29.19 -32.69 -8.57
CA ASP F 43 -30.47 -32.12 -9.08
C ASP F 43 -30.52 -30.58 -9.18
N VAL F 44 -30.13 -29.88 -8.11
CA VAL F 44 -30.19 -28.41 -8.09
C VAL F 44 -29.57 -27.76 -9.32
N ILE F 45 -28.51 -28.38 -9.83
CA ILE F 45 -27.85 -27.89 -10.99
C ILE F 45 -28.59 -28.34 -12.27
N LYS F 46 -28.87 -29.65 -12.36
CA LYS F 46 -29.69 -30.21 -13.43
C LYS F 46 -30.98 -29.40 -13.61
N PHE F 47 -31.79 -29.30 -12.56
CA PHE F 47 -32.97 -28.45 -12.58
C PHE F 47 -32.72 -27.05 -13.16
N ASN F 48 -31.58 -26.45 -12.83
CA ASN F 48 -31.22 -25.09 -13.30
C ASN F 48 -30.15 -24.97 -14.39
N ALA F 49 -29.81 -26.06 -15.06
CA ALA F 49 -28.76 -26.00 -16.12
C ALA F 49 -29.07 -25.05 -17.29
N GLY F 50 -28.04 -24.38 -17.79
CA GLY F 50 -28.17 -23.31 -18.80
C GLY F 50 -29.08 -22.14 -18.45
N LYS F 51 -28.89 -21.60 -17.24
CA LYS F 51 -29.69 -20.46 -16.74
C LYS F 51 -28.79 -19.52 -15.91
N ASP F 52 -29.30 -18.34 -15.53
CA ASP F 52 -28.58 -17.47 -14.59
C ASP F 52 -28.95 -17.82 -13.14
N VAL F 53 -28.09 -18.58 -12.46
CA VAL F 53 -28.42 -19.06 -11.09
C VAL F 53 -27.92 -18.15 -9.94
N THR F 54 -27.63 -16.89 -10.25
CA THR F 54 -27.04 -15.92 -9.30
C THR F 54 -27.82 -15.76 -7.98
N ALA F 55 -29.12 -15.53 -8.10
CA ALA F 55 -30.03 -15.34 -6.96
C ALA F 55 -30.11 -16.54 -6.00
N ILE F 56 -29.99 -17.76 -6.53
CA ILE F 56 -29.87 -18.96 -5.72
C ILE F 56 -28.46 -19.34 -5.27
N PHE F 57 -27.44 -19.17 -6.12
CA PHE F 57 -26.05 -19.48 -5.72
C PHE F 57 -25.52 -18.62 -4.54
N GLU F 58 -25.39 -17.31 -4.81
CA GLU F 58 -24.78 -16.33 -3.94
C GLU F 58 -25.31 -16.34 -2.48
N PRO F 59 -26.61 -16.59 -2.26
CA PRO F 59 -26.90 -16.62 -0.80
C PRO F 59 -26.58 -17.96 -0.15
N LEU F 60 -26.15 -18.95 -0.91
CA LEU F 60 -25.77 -20.23 -0.29
C LEU F 60 -24.29 -20.56 -0.32
N HIS F 61 -23.49 -19.87 -1.11
CA HIS F 61 -22.05 -20.15 -1.21
C HIS F 61 -21.27 -18.92 -0.86
N ALA F 62 -20.21 -19.09 -0.08
CA ALA F 62 -19.28 -17.97 0.12
C ALA F 62 -18.52 -17.71 -1.21
N PRO F 63 -17.96 -16.50 -1.41
CA PRO F 63 -17.37 -16.24 -2.72
C PRO F 63 -16.13 -17.08 -3.07
N ASN F 64 -15.61 -17.79 -2.07
CA ASN F 64 -14.39 -18.54 -2.27
C ASN F 64 -14.58 -20.02 -2.46
N VAL F 65 -15.82 -20.48 -2.57
CA VAL F 65 -16.03 -21.90 -2.77
C VAL F 65 -15.67 -22.31 -4.20
N ILE F 66 -16.05 -21.49 -5.17
CA ILE F 66 -15.85 -21.83 -6.58
C ILE F 66 -14.44 -22.33 -6.97
N ASP F 67 -13.41 -21.53 -6.68
CA ASP F 67 -12.03 -21.89 -7.02
C ASP F 67 -11.45 -23.04 -6.21
N LYS F 68 -12.12 -23.41 -5.13
CA LYS F 68 -11.68 -24.56 -4.36
C LYS F 68 -12.02 -25.86 -5.05
N TYR F 69 -13.11 -25.90 -5.81
CA TYR F 69 -13.59 -27.12 -6.46
C TYR F 69 -13.48 -27.08 -7.98
N ILE F 70 -13.87 -25.95 -8.56
CA ILE F 70 -13.92 -25.86 -10.00
C ILE F 70 -12.53 -25.58 -10.56
N ALA F 71 -12.19 -26.30 -11.63
CA ALA F 71 -10.97 -26.04 -12.40
C ALA F 71 -11.14 -24.74 -13.16
N PRO F 72 -10.06 -23.95 -13.28
CA PRO F 72 -10.06 -22.73 -14.07
C PRO F 72 -10.48 -23.00 -15.50
N GLU F 73 -9.99 -24.09 -16.06
CA GLU F 73 -10.41 -24.60 -17.34
C GLU F 73 -11.94 -24.48 -17.58
N LYS F 74 -12.72 -24.48 -16.50
CA LYS F 74 -14.20 -24.54 -16.57
C LYS F 74 -14.84 -23.18 -16.36
N LYS F 75 -14.08 -22.27 -15.78
CA LYS F 75 -14.52 -20.90 -15.69
C LYS F 75 -14.48 -20.37 -17.12
N LEU F 76 -15.57 -20.56 -17.84
CA LEU F 76 -15.58 -20.40 -19.30
C LEU F 76 -15.29 -18.99 -19.82
N GLY F 77 -15.76 -17.96 -19.13
CA GLY F 77 -15.55 -16.62 -19.60
C GLY F 77 -16.69 -15.74 -19.16
N PRO F 78 -16.64 -14.45 -19.50
CA PRO F 78 -17.71 -13.51 -19.21
C PRO F 78 -18.93 -13.68 -20.12
N LEU F 79 -20.12 -13.43 -19.58
CA LEU F 79 -21.31 -13.52 -20.41
C LEU F 79 -21.54 -12.19 -21.13
N GLN F 80 -21.87 -12.27 -22.42
CA GLN F 80 -22.16 -11.07 -23.21
C GLN F 80 -23.58 -10.61 -22.94
N GLY F 81 -23.71 -9.41 -22.36
CA GLY F 81 -24.98 -8.86 -21.90
C GLY F 81 -25.62 -9.66 -20.78
N SER F 82 -26.91 -9.91 -20.91
CA SER F 82 -27.64 -10.72 -19.95
C SER F 82 -28.40 -11.90 -20.61
N MET F 83 -28.76 -12.90 -19.79
CA MET F 83 -29.63 -14.01 -20.20
C MET F 83 -31.07 -13.52 -20.31
N PRO F 84 -31.87 -14.08 -21.26
CA PRO F 84 -33.26 -13.63 -21.32
C PRO F 84 -33.97 -13.87 -19.97
N PRO F 85 -34.92 -12.99 -19.56
CA PRO F 85 -35.64 -13.08 -18.27
C PRO F 85 -36.14 -14.49 -17.91
N GLU F 86 -36.91 -15.09 -18.81
CA GLU F 86 -37.33 -16.48 -18.66
C GLU F 86 -36.20 -17.40 -18.17
N LEU F 87 -34.96 -17.14 -18.58
CA LEU F 87 -33.82 -17.98 -18.17
C LEU F 87 -32.95 -17.47 -16.98
N VAL F 88 -33.51 -16.62 -16.12
CA VAL F 88 -32.77 -16.19 -14.95
C VAL F 88 -33.49 -16.63 -13.67
N CYS F 89 -32.82 -17.40 -12.83
CA CYS F 89 -33.42 -17.87 -11.57
C CYS F 89 -33.67 -16.75 -10.55
N PRO F 90 -34.91 -16.64 -10.02
CA PRO F 90 -35.24 -15.68 -8.95
C PRO F 90 -35.18 -16.34 -7.56
N PRO F 91 -34.99 -15.54 -6.49
CA PRO F 91 -35.04 -16.24 -5.20
C PRO F 91 -36.42 -16.91 -4.96
N TYR F 92 -36.43 -18.03 -4.22
CA TYR F 92 -37.68 -18.66 -3.84
C TYR F 92 -38.15 -18.05 -2.51
CHA HEM G . 13.24 22.05 10.03
CHB HEM G . 16.33 24.74 7.45
CHC HEM G . 19.82 23.29 10.44
CHD HEM G . 16.64 21.17 13.42
C1A HEM G . 13.76 22.88 9.05
C2A HEM G . 13.07 23.48 7.94
C3A HEM G . 13.92 24.20 7.24
C4A HEM G . 15.19 24.12 7.90
CMA HEM G . 13.63 25.01 5.94
CAA HEM G . 11.60 23.28 7.57
CBA HEM G . 11.56 22.04 6.70
CGA HEM G . 10.32 22.06 5.86
O1A HEM G . 10.25 21.20 4.95
O2A HEM G . 9.42 22.92 6.06
C1B HEM G . 17.56 24.49 7.97
C2B HEM G . 18.82 24.86 7.38
C3B HEM G . 19.78 24.46 8.20
C4B HEM G . 19.16 23.83 9.36
CMB HEM G . 19.04 25.57 6.03
CAB HEM G . 21.30 24.65 7.94
CBB HEM G . 22.15 23.63 8.17
C1C HEM G . 19.25 22.66 11.50
C2C HEM G . 19.97 22.22 12.69
C3C HEM G . 19.08 21.62 13.50
C4C HEM G . 17.78 21.66 12.87
CMC HEM G . 21.48 22.38 12.95
CAC HEM G . 19.33 20.98 14.87
CBC HEM G . 20.23 20.02 14.91
C1D HEM G . 15.43 21.19 12.77
C2D HEM G . 14.27 20.56 13.29
C3D HEM G . 13.19 20.83 12.24
C4D HEM G . 13.83 21.59 11.19
CMD HEM G . 14.19 19.82 14.63
CAD HEM G . 11.72 20.35 12.29
CBD HEM G . 10.82 21.08 13.28
CGD HEM G . 9.43 20.64 12.92
O1D HEM G . 8.54 21.53 12.77
O2D HEM G . 9.22 19.38 12.80
NA HEM G . 15.05 23.31 9.02
NB HEM G . 17.80 23.87 9.18
NC HEM G . 17.91 22.28 11.65
ND HEM G . 15.16 21.78 11.53
FE HEM G . 16.46 22.75 10.35
CHA HEM H . -24.16 -26.34 -1.49
CHB HEM H . -20.17 -26.16 -4.26
CHC HEM H . -22.88 -24.43 -7.84
CHD HEM H . -26.93 -25.17 -5.27
C1A HEM H . -22.86 -26.37 -1.91
C2A HEM H . -21.72 -26.66 -1.08
C3A HEM H . -20.62 -26.62 -1.83
C4A HEM H . -21.02 -26.31 -3.18
CMA HEM H . -19.19 -26.87 -1.35
CAA HEM H . -21.78 -26.95 0.43
CBA HEM H . -21.70 -25.63 1.19
CGA HEM H . -20.83 -25.73 2.42
O1A HEM H . -19.93 -24.84 2.59
O2A HEM H . -21.06 -26.68 3.24
C1B HEM H . -20.53 -25.60 -5.45
C2B HEM H . -19.65 -25.17 -6.51
C3B HEM H . -20.41 -24.67 -7.51
C4B HEM H . -21.79 -24.79 -7.11
CMB HEM H . -18.13 -25.26 -6.44
CAB HEM H . -19.93 -24.07 -8.86
CBB HEM H . -20.61 -23.05 -9.40
C1C HEM H . -24.20 -24.48 -7.43
C2C HEM H . -25.33 -24.00 -8.22
C3C HEM H . -26.46 -24.21 -7.49
C4C HEM H . -26.07 -24.81 -6.25
CMC HEM H . -25.26 -23.37 -9.64
CAC HEM H . -27.89 -23.86 -7.87
CBC HEM H . -28.25 -24.00 -9.14
C1D HEM H . -26.56 -25.52 -4.00
C2D HEM H . -27.49 -25.64 -2.93
C3D HEM H . -26.63 -26.02 -1.72
C4D HEM H . -25.28 -26.07 -2.21
CMD HEM H . -29.01 -25.43 -3.07
CAD HEM H . -27.10 -26.24 -0.28
CBD HEM H . -27.31 -27.68 0.16
CGD HEM H . -27.84 -27.59 1.57
O1D HEM H . -27.63 -28.61 2.29
O2D HEM H . -28.45 -26.54 1.96
NA HEM H . -22.42 -26.17 -3.19
NB HEM H . -21.84 -25.36 -5.85
NC HEM H . -24.70 -24.97 -6.23
ND HEM H . -25.28 -25.76 -3.55
FE HEM H . -23.60 -25.54 -4.68
#